data_8RGN
#
_entry.id   8RGN
#
_cell.length_a   1.00
_cell.length_b   1.00
_cell.length_c   1.00
_cell.angle_alpha   90.00
_cell.angle_beta   90.00
_cell.angle_gamma   90.00
#
_symmetry.space_group_name_H-M   'P 1'
#
loop_
_entity.id
_entity.type
_entity.pdbx_description
1 polymer 'Multidrug resistance ABC transporter ATP-binding/permease protein BmrA'
2 non-polymer 'RHODAMINE 6G'
3 non-polymer "ADENOSINE-5'-TRIPHOSPHATE"
4 non-polymer 'MAGNESIUM ION'
5 water water
#
_entity_poly.entity_id   1
_entity_poly.type   'polypeptide(L)'
_entity_poly.pdbx_seq_one_letter_code
;MSSSHHHHHHMPTKKQKSKSKLKPFFALVRRTNPSYGKLAFALALSVVTTLVSLLIPLLTKQLVDGFSMSNLSGTQIGLI
ALVFFVQAGLSAYATYALNYNGQKIISGLRELLWKKLIKLPVSYFDTNASGETVSRVTNDTMVVKELITTHISGFITGII
SVIGSLTILFIMNWKLTLLVLVVVPLAALILVPIGRKMFSISRETQDETARFTGLLNQILPEIRLVKASNAEDVEYGRGK
MGISSLFKLGVREAKVQSLVGPLISLVLMAALVAVIGYGGMQVSSGELTAGALVAFILYLFQIIMPMGQITTFFTQLQKS
IGATERMIEILAEEEEDTVTGKQIENAHLPIQLDRVSFGYKPDQLILKEVSAVIEAGKVTAIVGPSGGGKTTLFKLLERF
YSPTAGTIRLGDEPVDTYSLESWREHIGYVSQESPLMSGTIRENICYGLERDVTDAEIEKAAEMAYALNFIKELPNQFDT
EVGERGIMLSGGQRQRIAIARALLRNPSILMLDAATSSLDSQSEKSVQQALEVLMEGRTTIVIAHRLSTVVDADQLLFVE
KGEITGRGTHHELMASHGLYRDFAEQQLKMNADLENKAG
;
_entity_poly.pdbx_strand_id   A,B
#
loop_
_chem_comp.id
_chem_comp.type
_chem_comp.name
_chem_comp.formula
ATP non-polymer ADENOSINE-5'-TRIPHOSPHATE 'C10 H16 N5 O13 P3'
MG non-polymer 'MAGNESIUM ION' 'Mg 2'
RHQ non-polymer 'RHODAMINE 6G' 'C28 H31 N2 O3 1'
#
# COMPACT_ATOMS: atom_id res chain seq x y z
N LYS A 19 -12.98 -13.74 22.28
CA LYS A 19 -13.30 -12.72 23.27
C LYS A 19 -12.12 -12.53 24.21
N SER A 20 -12.21 -11.54 25.10
CA SER A 20 -11.09 -11.20 25.96
C SER A 20 -9.85 -10.81 25.17
N LYS A 21 -9.93 -9.70 24.41
CA LYS A 21 -8.98 -9.29 23.39
C LYS A 21 -7.52 -9.42 23.80
N LEU A 22 -7.20 -9.18 25.08
CA LEU A 22 -5.82 -9.26 25.53
C LEU A 22 -5.24 -10.65 25.30
N LYS A 23 -6.02 -11.70 25.52
CA LYS A 23 -5.54 -13.05 25.30
C LYS A 23 -5.12 -13.28 23.85
N PRO A 24 -5.97 -13.05 22.85
CA PRO A 24 -5.54 -13.26 21.47
C PRO A 24 -4.42 -12.33 21.06
N PHE A 25 -4.39 -11.09 21.55
CA PHE A 25 -3.30 -10.20 21.17
C PHE A 25 -1.97 -10.71 21.69
N PHE A 26 -1.91 -11.10 22.96
CA PHE A 26 -0.65 -11.60 23.49
C PHE A 26 -0.28 -12.93 22.87
N ALA A 27 -1.26 -13.74 22.48
CA ALA A 27 -0.92 -14.96 21.75
C ALA A 27 -0.30 -14.63 20.40
N LEU A 28 -0.85 -13.64 19.70
CA LEU A 28 -0.30 -13.24 18.41
C LEU A 28 1.11 -12.69 18.56
N VAL A 29 1.39 -12.02 19.67
CA VAL A 29 2.75 -11.56 19.90
C VAL A 29 3.66 -12.72 20.27
N ARG A 30 3.17 -13.68 21.05
CA ARG A 30 4.00 -14.78 21.51
C ARG A 30 4.25 -15.79 20.40
N ARG A 31 3.57 -15.67 19.27
CA ARG A 31 3.90 -16.49 18.11
C ARG A 31 5.03 -15.86 17.30
N THR A 32 5.80 -14.97 17.93
CA THR A 32 6.94 -14.29 17.32
C THR A 32 8.15 -14.50 18.23
N ASN A 33 8.41 -15.78 18.53
CA ASN A 33 9.19 -16.22 19.68
C ASN A 33 10.43 -15.39 19.99
N PRO A 34 11.41 -15.23 19.07
CA PRO A 34 12.74 -14.73 19.47
C PRO A 34 12.77 -13.32 20.06
N SER A 35 11.62 -12.66 20.15
CA SER A 35 11.51 -11.44 20.94
C SER A 35 11.68 -11.76 22.43
N TYR A 36 11.39 -13.00 22.82
CA TYR A 36 11.14 -13.33 24.22
C TYR A 36 12.41 -13.25 25.07
N GLY A 37 13.58 -13.35 24.44
CA GLY A 37 14.80 -13.57 25.21
C GLY A 37 15.36 -12.30 25.83
N LYS A 38 15.84 -11.37 24.99
CA LYS A 38 16.58 -10.22 25.50
C LYS A 38 15.68 -9.21 26.21
N LEU A 39 14.36 -9.35 26.07
CA LEU A 39 13.47 -8.40 26.72
C LEU A 39 13.60 -8.48 28.24
N ALA A 40 13.98 -9.64 28.77
CA ALA A 40 14.21 -9.75 30.20
C ALA A 40 15.39 -8.91 30.64
N PHE A 41 16.50 -8.98 29.89
CA PHE A 41 17.63 -8.10 30.15
C PHE A 41 17.23 -6.64 30.06
N ALA A 42 16.43 -6.30 29.05
CA ALA A 42 15.93 -4.94 28.92
C ALA A 42 15.16 -4.52 30.16
N LEU A 43 14.26 -5.38 30.62
CA LEU A 43 13.43 -5.07 31.78
C LEU A 43 14.29 -4.91 33.04
N ALA A 44 15.30 -5.74 33.19
CA ALA A 44 16.18 -5.64 34.36
C ALA A 44 16.95 -4.33 34.34
N LEU A 45 17.51 -3.96 33.19
CA LEU A 45 18.21 -2.69 33.09
C LEU A 45 17.28 -1.52 33.38
N SER A 46 16.04 -1.60 32.89
CA SER A 46 15.09 -0.53 33.12
C SER A 46 14.70 -0.42 34.60
N VAL A 47 14.51 -1.55 35.28
CA VAL A 47 14.13 -1.52 36.68
C VAL A 47 15.29 -1.00 37.53
N VAL A 48 16.52 -1.38 37.18
CA VAL A 48 17.65 -0.85 37.94
C VAL A 48 17.82 0.64 37.70
N THR A 49 17.59 1.11 36.47
CA THR A 49 17.66 2.54 36.21
C THR A 49 16.56 3.28 36.96
N THR A 50 15.38 2.68 37.06
CA THR A 50 14.32 3.28 37.86
C THR A 50 14.72 3.35 39.33
N LEU A 51 15.38 2.31 39.83
CA LEU A 51 15.83 2.34 41.21
C LEU A 51 16.85 3.45 41.44
N VAL A 52 17.82 3.59 40.53
CA VAL A 52 18.81 4.65 40.72
C VAL A 52 18.17 6.02 40.59
N SER A 53 17.14 6.14 39.74
CA SER A 53 16.39 7.40 39.67
C SER A 53 15.70 7.71 40.99
N LEU A 54 15.10 6.71 41.62
CA LEU A 54 14.50 6.92 42.94
C LEU A 54 15.55 7.17 44.01
N LEU A 55 16.79 6.72 43.77
CA LEU A 55 17.84 6.88 44.77
C LEU A 55 18.51 8.24 44.72
N ILE A 56 18.60 8.86 43.53
CA ILE A 56 19.50 10.02 43.35
C ILE A 56 19.28 11.16 44.34
N PRO A 57 18.05 11.61 44.64
CA PRO A 57 17.94 12.76 45.56
C PRO A 57 18.33 12.45 46.98
N LEU A 58 17.94 11.26 47.46
CA LEU A 58 18.24 10.84 48.83
C LEU A 58 19.74 10.84 49.09
N LEU A 59 20.53 10.53 48.06
CA LEU A 59 21.98 10.67 48.16
C LEU A 59 22.41 12.12 47.99
N THR A 60 21.86 12.84 47.00
CA THR A 60 22.49 14.07 46.53
C THR A 60 22.46 15.18 47.57
N LYS A 61 21.39 15.26 48.37
CA LYS A 61 21.30 16.36 49.32
C LYS A 61 22.42 16.31 50.37
N GLN A 62 22.46 15.23 51.15
CA GLN A 62 23.54 15.07 52.11
C GLN A 62 24.87 14.77 51.42
N LEU A 63 24.85 14.51 50.11
CA LEU A 63 26.09 14.39 49.37
C LEU A 63 26.71 15.75 49.10
N VAL A 64 25.89 16.77 48.88
CA VAL A 64 26.43 18.14 48.90
C VAL A 64 27.00 18.44 50.27
N ASP A 65 26.24 18.14 51.32
CA ASP A 65 26.74 18.38 52.70
C ASP A 65 28.04 17.59 52.93
N GLY A 66 28.00 16.25 52.74
CA GLY A 66 29.19 15.40 52.99
C GLY A 66 30.34 15.75 52.05
N PHE A 67 30.07 15.95 50.76
CA PHE A 67 31.13 16.39 49.82
C PHE A 67 31.18 17.92 49.78
N SER A 68 31.57 18.54 50.89
CA SER A 68 31.73 20.01 50.91
C SER A 68 33.19 20.28 50.55
N MET A 69 34.03 19.25 50.60
CA MET A 69 35.47 19.36 50.26
C MET A 69 35.60 20.09 48.93
N SER A 70 34.71 19.81 47.97
CA SER A 70 34.68 20.50 46.66
C SER A 70 35.83 20.04 45.74
N ASN A 71 37.09 20.17 46.16
CA ASN A 71 38.21 19.83 45.28
C ASN A 71 38.72 18.42 45.57
N LEU A 72 38.83 18.05 46.84
CA LEU A 72 39.35 16.73 47.18
C LEU A 72 38.37 15.63 46.79
N SER A 73 37.06 15.93 46.85
CA SER A 73 36.06 14.93 46.51
C SER A 73 36.06 14.63 45.02
N GLY A 74 36.30 15.65 44.20
CA GLY A 74 36.24 15.45 42.75
C GLY A 74 37.48 14.77 42.19
N THR A 75 38.61 14.92 42.87
CA THR A 75 39.87 14.40 42.35
C THR A 75 39.85 12.87 42.28
N GLN A 76 39.70 12.21 43.42
CA GLN A 76 39.74 10.75 43.45
C GLN A 76 38.35 10.15 43.34
N ILE A 77 37.44 10.49 44.27
CA ILE A 77 36.08 9.97 44.24
C ILE A 77 35.22 10.70 43.21
N GLY A 78 35.66 11.87 42.75
CA GLY A 78 34.86 12.62 41.79
C GLY A 78 34.62 11.88 40.49
N LEU A 79 35.55 10.98 40.13
CA LEU A 79 35.36 10.17 38.93
C LEU A 79 34.10 9.33 39.03
N ILE A 80 33.75 8.90 40.24
CA ILE A 80 32.48 8.21 40.46
C ILE A 80 31.32 9.07 39.98
N ALA A 81 31.33 10.35 40.35
CA ALA A 81 30.28 11.27 39.91
C ALA A 81 30.24 11.42 38.41
N LEU A 82 31.34 11.07 37.73
CA LEU A 82 31.33 10.95 36.27
C LEU A 82 30.81 9.59 35.83
N VAL A 83 31.34 8.51 36.41
CA VAL A 83 31.06 7.17 35.90
C VAL A 83 29.59 6.81 36.01
N PHE A 84 28.95 7.13 37.13
CA PHE A 84 27.52 6.89 37.26
C PHE A 84 26.74 7.55 36.13
N PHE A 85 27.19 8.72 35.68
CA PHE A 85 26.52 9.38 34.57
C PHE A 85 26.59 8.54 33.30
N VAL A 86 27.74 7.95 33.00
CA VAL A 86 27.77 7.09 31.83
C VAL A 86 27.07 5.79 32.12
N GLN A 87 26.87 5.47 33.39
CA GLN A 87 25.95 4.38 33.73
C GLN A 87 24.52 4.80 33.39
N ALA A 88 24.20 6.08 33.57
CA ALA A 88 22.99 6.61 32.96
C ALA A 88 23.01 6.41 31.45
N GLY A 89 24.20 6.53 30.85
CA GLY A 89 24.34 6.17 29.45
C GLY A 89 23.94 4.73 29.16
N LEU A 90 24.28 3.80 30.07
CA LEU A 90 23.86 2.42 29.90
C LEU A 90 22.42 2.18 30.35
N SER A 91 21.64 3.23 30.53
CA SER A 91 20.20 3.08 30.48
C SER A 91 19.71 3.24 29.04
N ALA A 92 20.40 4.06 28.25
CA ALA A 92 20.05 4.24 26.85
C ALA A 92 20.04 2.91 26.11
N TYR A 93 20.98 2.02 26.47
CA TYR A 93 20.99 0.66 25.93
C TYR A 93 19.63 0.00 26.04
N ALA A 94 19.01 0.07 27.23
CA ALA A 94 17.70 -0.53 27.41
C ALA A 94 16.72 -0.03 26.36
N THR A 95 16.70 1.29 26.12
CA THR A 95 15.88 1.83 25.04
C THR A 95 16.16 1.12 23.72
N TYR A 96 17.42 1.13 23.28
CA TYR A 96 17.77 0.43 22.05
C TYR A 96 17.34 -1.02 22.11
N ALA A 97 17.56 -1.66 23.27
CA ALA A 97 17.14 -3.04 23.45
C ALA A 97 15.67 -3.19 23.09
N LEU A 98 14.81 -2.40 23.73
CA LEU A 98 13.39 -2.41 23.41
C LEU A 98 13.16 -2.26 21.92
N ASN A 99 13.76 -1.21 21.33
CA ASN A 99 13.54 -0.94 19.93
C ASN A 99 13.92 -2.13 19.08
N TYR A 100 15.09 -2.72 19.35
CA TYR A 100 15.49 -3.89 18.60
C TYR A 100 14.46 -4.99 18.76
N ASN A 101 14.17 -5.34 20.01
CA ASN A 101 13.14 -6.34 20.26
C ASN A 101 11.82 -5.88 19.68
N GLY A 102 11.49 -4.60 19.84
CA GLY A 102 10.28 -4.06 19.27
C GLY A 102 10.20 -4.32 17.78
N GLN A 103 11.27 -3.97 17.06
CA GLN A 103 11.28 -4.19 15.62
C GLN A 103 11.07 -5.66 15.31
N LYS A 104 11.74 -6.54 16.04
CA LYS A 104 11.63 -7.96 15.75
C LYS A 104 10.19 -8.42 15.83
N ILE A 105 9.44 -7.92 16.82
CA ILE A 105 8.06 -8.34 16.95
C ILE A 105 7.27 -7.97 15.69
N ILE A 106 7.36 -6.71 15.25
CA ILE A 106 6.57 -6.36 14.08
C ILE A 106 7.10 -7.09 12.87
N SER A 107 8.42 -7.25 12.78
CA SER A 107 8.96 -8.03 11.67
C SER A 107 8.45 -9.46 11.73
N GLY A 108 8.41 -10.04 12.92
CA GLY A 108 7.83 -11.35 13.07
C GLY A 108 6.41 -11.39 12.57
N LEU A 109 5.61 -10.37 12.94
CA LEU A 109 4.22 -10.33 12.51
C LEU A 109 4.13 -10.38 10.99
N ARG A 110 4.93 -9.55 10.31
CA ARG A 110 4.83 -9.51 8.86
C ARG A 110 5.12 -10.86 8.24
N GLU A 111 6.13 -11.57 8.75
CA GLU A 111 6.41 -12.89 8.21
C GLU A 111 5.22 -13.81 8.38
N LEU A 112 4.57 -13.77 9.54
CA LEU A 112 3.37 -14.57 9.74
C LEU A 112 2.34 -14.28 8.67
N LEU A 113 1.97 -13.01 8.49
CA LEU A 113 0.97 -12.69 7.48
C LEU A 113 1.47 -13.05 6.09
N TRP A 114 2.74 -12.81 5.80
CA TRP A 114 3.17 -13.13 4.46
C TRP A 114 3.35 -14.63 4.27
N LYS A 115 3.30 -15.41 5.34
CA LYS A 115 3.24 -16.86 5.17
C LYS A 115 1.82 -17.36 5.18
N LYS A 116 0.86 -16.48 5.45
CA LYS A 116 -0.53 -16.89 5.42
C LYS A 116 -1.26 -16.36 4.19
N LEU A 117 -1.03 -15.11 3.80
CA LEU A 117 -1.75 -14.55 2.66
C LEU A 117 -1.54 -15.34 1.39
N ILE A 118 -0.35 -15.85 1.13
CA ILE A 118 -0.14 -16.55 -0.14
C ILE A 118 -0.38 -18.03 0.04
N LYS A 119 -1.01 -18.42 1.15
CA LYS A 119 -1.42 -19.80 1.32
C LYS A 119 -2.93 -19.96 1.44
N LEU A 120 -3.67 -18.88 1.59
CA LEU A 120 -5.12 -18.97 1.64
C LEU A 120 -5.66 -19.38 0.27
N PRO A 121 -6.67 -20.24 0.24
CA PRO A 121 -7.24 -20.64 -1.06
C PRO A 121 -7.83 -19.45 -1.78
N VAL A 122 -7.90 -19.55 -3.10
CA VAL A 122 -8.18 -18.39 -3.94
C VAL A 122 -9.58 -17.84 -3.68
N SER A 123 -10.47 -18.66 -3.13
CA SER A 123 -11.82 -18.19 -2.84
C SER A 123 -11.80 -17.02 -1.87
N TYR A 124 -10.89 -17.05 -0.90
CA TYR A 124 -10.78 -15.91 0.01
C TYR A 124 -10.42 -14.64 -0.74
N PHE A 125 -9.61 -14.75 -1.79
CA PHE A 125 -9.25 -13.56 -2.55
C PHE A 125 -10.34 -13.12 -3.52
N ASP A 126 -11.16 -14.03 -4.03
CA ASP A 126 -12.35 -13.59 -4.73
C ASP A 126 -13.29 -12.86 -3.78
N THR A 127 -13.28 -13.21 -2.50
CA THR A 127 -14.25 -12.63 -1.58
C THR A 127 -13.77 -11.30 -0.99
N ASN A 128 -12.46 -11.13 -0.74
CA ASN A 128 -12.04 -10.07 0.17
C ASN A 128 -11.24 -9.68 -1.08
N ALA A 129 -11.39 -8.44 -1.55
CA ALA A 129 -10.37 -7.74 -2.35
C ALA A 129 -8.98 -7.64 -1.71
N SER A 130 -7.97 -8.15 -2.43
CA SER A 130 -6.61 -8.34 -1.93
C SER A 130 -5.90 -7.00 -1.81
N GLY A 131 -6.38 -5.97 -2.51
CA GLY A 131 -5.73 -4.66 -2.48
C GLY A 131 -5.86 -3.99 -1.12
N GLU A 132 -6.73 -4.49 -0.25
CA GLU A 132 -6.82 -3.98 1.12
C GLU A 132 -5.96 -4.80 2.07
N THR A 133 -5.92 -6.12 1.87
CA THR A 133 -5.09 -6.96 2.73
C THR A 133 -3.61 -6.62 2.61
N VAL A 134 -3.18 -6.08 1.47
CA VAL A 134 -1.80 -5.62 1.37
C VAL A 134 -1.52 -4.49 2.36
N SER A 135 -2.48 -3.59 2.53
CA SER A 135 -2.31 -2.53 3.53
C SER A 135 -2.45 -3.10 4.94
N ARG A 136 -3.22 -4.17 5.09
CA ARG A 136 -3.28 -4.84 6.39
C ARG A 136 -1.91 -5.36 6.80
N VAL A 137 -1.13 -5.85 5.83
CA VAL A 137 0.22 -6.32 6.15
C VAL A 137 1.17 -5.14 6.37
N THR A 138 1.08 -4.12 5.52
CA THR A 138 2.13 -3.10 5.51
C THR A 138 1.87 -1.94 6.45
N ASN A 139 0.61 -1.57 6.68
CA ASN A 139 0.29 -0.37 7.43
C ASN A 139 -0.35 -0.63 8.79
N ASP A 140 -0.63 -1.89 9.12
CA ASP A 140 -1.19 -2.19 10.42
C ASP A 140 -0.11 -2.42 11.47
N THR A 141 0.85 -3.30 11.18
CA THR A 141 1.88 -3.62 12.16
C THR A 141 2.73 -2.41 12.51
N MET A 142 2.86 -1.45 11.59
CA MET A 142 3.50 -0.19 11.92
C MET A 142 2.74 0.60 12.99
N VAL A 143 1.49 0.23 13.28
CA VAL A 143 0.79 0.78 14.44
C VAL A 143 1.15 0.02 15.71
N VAL A 144 1.49 -1.26 15.60
CA VAL A 144 1.91 -2.05 16.74
C VAL A 144 3.31 -1.63 17.18
N LYS A 145 4.05 -0.95 16.30
CA LYS A 145 5.42 -0.59 16.61
C LYS A 145 5.51 0.36 17.80
N GLU A 146 4.67 1.41 17.81
CA GLU A 146 4.80 2.46 18.83
C GLU A 146 4.58 1.96 20.24
N LEU A 147 3.53 1.14 20.45
CA LEU A 147 3.26 0.59 21.76
C LEU A 147 4.48 -0.16 22.31
N ILE A 148 4.94 -1.17 21.57
CA ILE A 148 6.05 -1.99 22.01
C ILE A 148 7.32 -1.19 22.16
N THR A 149 7.50 -0.14 21.34
CA THR A 149 8.80 0.53 21.35
C THR A 149 8.93 1.48 22.53
N THR A 150 7.86 2.19 22.90
CA THR A 150 7.99 3.15 23.98
C THR A 150 7.10 2.85 25.17
N HIS A 151 5.83 2.59 24.95
CA HIS A 151 4.89 2.64 26.05
C HIS A 151 4.98 1.43 26.95
N ILE A 152 5.64 0.36 26.52
CA ILE A 152 5.90 -0.74 27.44
C ILE A 152 6.93 -0.33 28.49
N SER A 153 7.99 0.36 28.06
CA SER A 153 8.94 0.91 29.02
C SER A 153 8.26 1.94 29.91
N GLY A 154 7.42 2.79 29.31
CA GLY A 154 6.66 3.75 30.11
C GLY A 154 5.83 3.07 31.18
N PHE A 155 5.09 2.03 30.80
CA PHE A 155 4.28 1.30 31.75
C PHE A 155 5.12 0.67 32.86
N ILE A 156 6.24 0.05 32.51
CA ILE A 156 7.00 -0.67 33.53
C ILE A 156 7.61 0.32 34.53
N THR A 157 8.25 1.38 34.02
CA THR A 157 8.81 2.37 34.94
C THR A 157 7.74 3.04 35.76
N GLY A 158 6.61 3.37 35.14
CA GLY A 158 5.53 4.00 35.88
C GLY A 158 4.98 3.10 36.98
N ILE A 159 4.77 1.82 36.67
CA ILE A 159 4.20 0.92 37.66
C ILE A 159 5.17 0.70 38.81
N ILE A 160 6.46 0.60 38.51
CA ILE A 160 7.42 0.37 39.59
C ILE A 160 7.57 1.61 40.46
N SER A 161 7.59 2.79 39.82
CA SER A 161 7.67 4.03 40.60
C SER A 161 6.43 4.21 41.46
N VAL A 162 5.26 3.85 40.92
CA VAL A 162 4.03 4.00 41.67
C VAL A 162 4.01 3.06 42.86
N ILE A 163 4.46 1.82 42.68
CA ILE A 163 4.45 0.89 43.80
C ILE A 163 5.47 1.30 44.85
N GLY A 164 6.62 1.84 44.41
CA GLY A 164 7.59 2.34 45.36
C GLY A 164 7.05 3.49 46.19
N SER A 165 6.46 4.49 45.52
CA SER A 165 5.87 5.61 46.25
C SER A 165 4.72 5.14 47.12
N LEU A 166 4.00 4.11 46.69
CA LEU A 166 2.91 3.58 47.51
C LEU A 166 3.46 3.00 48.81
N THR A 167 4.53 2.22 48.73
CA THR A 167 5.13 1.67 49.94
C THR A 167 5.68 2.79 50.82
N ILE A 168 6.24 3.82 50.19
CA ILE A 168 6.74 4.97 50.95
C ILE A 168 5.62 5.60 51.77
N LEU A 169 4.54 5.99 51.09
CA LEU A 169 3.45 6.64 51.81
C LEU A 169 2.78 5.68 52.79
N PHE A 170 2.85 4.38 52.51
CA PHE A 170 2.30 3.40 53.44
C PHE A 170 3.10 3.38 54.74
N ILE A 171 4.43 3.45 54.64
CA ILE A 171 5.22 3.56 55.86
C ILE A 171 5.04 4.93 56.49
N MET A 172 4.58 5.92 55.71
CA MET A 172 4.18 7.19 56.31
C MET A 172 2.85 7.08 57.05
N ASN A 173 1.84 6.47 56.42
CA ASN A 173 0.49 6.45 56.99
C ASN A 173 -0.17 5.10 56.72
N TRP A 174 -1.10 4.73 57.60
CA TRP A 174 -1.83 3.48 57.48
C TRP A 174 -3.21 3.66 56.85
N LYS A 175 -3.77 4.87 56.87
CA LYS A 175 -5.13 5.10 56.37
C LYS A 175 -5.17 5.87 55.06
N LEU A 176 -4.35 6.92 54.92
CA LEU A 176 -4.40 7.73 53.71
C LEU A 176 -3.91 6.93 52.50
N THR A 177 -3.00 5.99 52.72
CA THR A 177 -2.60 5.09 51.64
C THR A 177 -3.76 4.22 51.20
N LEU A 178 -4.57 3.73 52.16
CA LEU A 178 -5.77 3.02 51.79
C LEU A 178 -6.71 3.92 50.99
N LEU A 179 -6.80 5.19 51.39
CA LEU A 179 -7.63 6.14 50.66
C LEU A 179 -7.20 6.26 49.20
N VAL A 180 -5.90 6.44 48.95
CA VAL A 180 -5.43 6.59 47.58
C VAL A 180 -5.56 5.27 46.82
N LEU A 181 -5.34 4.15 47.49
CA LEU A 181 -5.46 2.85 46.83
C LEU A 181 -6.91 2.50 46.55
N VAL A 182 -7.84 3.18 47.20
CA VAL A 182 -9.25 3.04 46.82
C VAL A 182 -9.59 4.01 45.71
N VAL A 183 -8.98 5.20 45.72
CA VAL A 183 -9.23 6.18 44.66
C VAL A 183 -8.76 5.65 43.31
N VAL A 184 -7.69 4.86 43.31
CA VAL A 184 -7.16 4.34 42.03
C VAL A 184 -8.20 3.49 41.29
N PRO A 185 -8.90 2.54 41.92
CA PRO A 185 -9.98 1.83 41.23
C PRO A 185 -11.01 2.74 40.59
N LEU A 186 -11.28 3.90 41.18
CA LEU A 186 -12.16 4.86 40.54
C LEU A 186 -11.58 5.32 39.21
N ALA A 187 -10.26 5.54 39.17
CA ALA A 187 -9.61 5.88 37.91
C ALA A 187 -9.78 4.78 36.89
N ALA A 188 -9.71 3.52 37.34
CA ALA A 188 -9.91 2.40 36.43
C ALA A 188 -11.29 2.44 35.79
N LEU A 189 -12.33 2.60 36.61
CA LEU A 189 -13.69 2.60 36.10
C LEU A 189 -14.04 3.85 35.32
N ILE A 190 -13.32 4.96 35.53
CA ILE A 190 -13.54 6.16 34.73
C ILE A 190 -12.69 6.17 33.46
N LEU A 191 -11.69 5.29 33.37
CA LEU A 191 -10.88 5.17 32.17
C LEU A 191 -11.33 4.03 31.25
N VAL A 192 -12.15 3.10 31.74
CA VAL A 192 -12.63 2.02 30.88
C VAL A 192 -13.36 2.52 29.64
N PRO A 193 -14.35 3.40 29.74
CA PRO A 193 -15.06 3.85 28.53
C PRO A 193 -14.16 4.51 27.50
N ILE A 194 -13.16 5.29 27.92
CA ILE A 194 -12.18 5.82 26.99
C ILE A 194 -11.36 4.70 26.36
N GLY A 195 -11.11 3.64 27.11
CA GLY A 195 -10.48 2.47 26.50
C GLY A 195 -11.32 1.90 25.37
N ARG A 196 -12.62 1.70 25.61
CA ARG A 196 -13.46 1.14 24.55
C ARG A 196 -13.53 2.09 23.35
N LYS A 197 -13.61 3.40 23.60
CA LYS A 197 -13.68 4.33 22.49
C LYS A 197 -12.39 4.32 21.68
N MET A 198 -11.25 4.21 22.36
CA MET A 198 -9.98 4.12 21.64
C MET A 198 -9.93 2.85 20.80
N PHE A 199 -10.45 1.74 21.34
CA PHE A 199 -10.49 0.51 20.56
C PHE A 199 -11.32 0.68 19.30
N SER A 200 -12.54 1.21 19.44
CA SER A 200 -13.41 1.36 18.28
C SER A 200 -12.83 2.32 17.25
N ILE A 201 -12.28 3.45 17.68
CA ILE A 201 -11.70 4.41 16.76
C ILE A 201 -10.48 3.84 16.05
N SER A 202 -9.65 3.08 16.76
CA SER A 202 -8.50 2.50 16.08
C SER A 202 -8.92 1.47 15.06
N ARG A 203 -9.95 0.67 15.36
CA ARG A 203 -10.40 -0.29 14.37
C ARG A 203 -10.93 0.39 13.12
N GLU A 204 -11.76 1.41 13.28
CA GLU A 204 -12.29 2.09 12.11
C GLU A 204 -11.19 2.81 11.33
N THR A 205 -10.21 3.39 12.01
CA THR A 205 -9.14 4.08 11.29
C THR A 205 -8.29 3.10 10.51
N GLN A 206 -7.98 1.94 11.10
CA GLN A 206 -7.21 0.97 10.35
C GLN A 206 -7.98 0.41 9.17
N ASP A 207 -9.28 0.15 9.36
CA ASP A 207 -10.11 -0.24 8.22
C ASP A 207 -10.13 0.83 7.14
N GLU A 208 -10.17 2.10 7.53
CA GLU A 208 -10.26 3.17 6.54
C GLU A 208 -8.96 3.32 5.77
N THR A 209 -7.83 3.22 6.46
CA THR A 209 -6.56 3.27 5.75
C THR A 209 -6.40 2.09 4.81
N ALA A 210 -6.85 0.91 5.22
CA ALA A 210 -6.79 -0.24 4.32
C ALA A 210 -7.64 -0.01 3.08
N ARG A 211 -8.87 0.46 3.27
CA ARG A 211 -9.75 0.68 2.11
C ARG A 211 -9.24 1.81 1.22
N PHE A 212 -8.63 2.83 1.82
CA PHE A 212 -8.06 3.91 1.03
C PHE A 212 -6.90 3.40 0.18
N THR A 213 -5.97 2.66 0.76
CA THR A 213 -4.87 2.12 -0.03
C THR A 213 -5.39 1.16 -1.10
N GLY A 214 -6.46 0.43 -0.82
CA GLY A 214 -7.04 -0.42 -1.84
C GLY A 214 -7.57 0.38 -3.02
N LEU A 215 -8.36 1.42 -2.72
CA LEU A 215 -8.86 2.29 -3.79
C LEU A 215 -7.73 2.88 -4.60
N LEU A 216 -6.67 3.33 -3.93
CA LEU A 216 -5.62 4.03 -4.64
C LEU A 216 -4.78 3.06 -5.49
N ASN A 217 -4.56 1.84 -4.97
CA ASN A 217 -3.85 0.83 -5.75
C ASN A 217 -4.68 0.29 -6.89
N GLN A 218 -6.00 0.41 -6.81
CA GLN A 218 -6.83 -0.04 -7.93
C GLN A 218 -7.05 1.09 -8.94
N ILE A 219 -6.77 2.33 -8.54
CA ILE A 219 -6.88 3.44 -9.48
C ILE A 219 -5.58 3.63 -10.25
N LEU A 220 -4.46 3.73 -9.54
CA LEU A 220 -3.23 4.18 -10.20
C LEU A 220 -2.74 3.29 -11.33
N PRO A 221 -2.61 1.98 -11.18
CA PRO A 221 -2.14 1.15 -12.31
C PRO A 221 -3.00 1.23 -13.55
N GLU A 222 -4.25 1.70 -13.44
CA GLU A 222 -5.12 1.91 -14.58
C GLU A 222 -5.08 3.34 -15.07
N ILE A 223 -3.92 4.00 -14.96
CA ILE A 223 -3.82 5.42 -15.25
C ILE A 223 -4.20 5.76 -16.68
N ARG A 224 -4.01 4.84 -17.62
CA ARG A 224 -4.44 5.12 -18.98
C ARG A 224 -5.95 5.30 -19.05
N LEU A 225 -6.70 4.47 -18.34
CA LEU A 225 -8.14 4.60 -18.33
C LEU A 225 -8.58 5.91 -17.71
N VAL A 226 -7.90 6.36 -16.66
CA VAL A 226 -8.25 7.63 -16.04
C VAL A 226 -7.99 8.77 -17.01
N LYS A 227 -6.82 8.79 -17.64
CA LYS A 227 -6.51 9.90 -18.53
C LYS A 227 -7.42 9.89 -19.76
N ALA A 228 -7.83 8.71 -20.22
CA ALA A 228 -8.55 8.66 -21.48
C ALA A 228 -10.04 8.89 -21.31
N SER A 229 -10.60 8.47 -20.17
CA SER A 229 -12.01 8.73 -19.89
C SER A 229 -12.20 10.16 -19.39
N ASN A 230 -11.12 10.89 -19.21
CA ASN A 230 -11.15 12.29 -18.79
C ASN A 230 -11.63 12.44 -17.36
N ALA A 231 -11.54 11.35 -16.58
CA ALA A 231 -12.05 11.33 -15.22
C ALA A 231 -10.99 11.72 -14.19
N GLU A 232 -10.04 12.57 -14.58
CA GLU A 232 -9.07 13.06 -13.61
C GLU A 232 -9.77 13.74 -12.44
N ASP A 233 -10.82 14.52 -12.72
CA ASP A 233 -11.46 15.30 -11.67
C ASP A 233 -12.34 14.42 -10.78
N VAL A 234 -13.12 13.52 -11.37
CA VAL A 234 -13.94 12.63 -10.56
C VAL A 234 -13.08 11.74 -9.68
N GLU A 235 -11.96 11.26 -10.21
CA GLU A 235 -11.10 10.41 -9.41
C GLU A 235 -10.33 11.19 -8.36
N TYR A 236 -9.91 12.41 -8.65
CA TYR A 236 -9.37 13.23 -7.58
C TYR A 236 -10.40 13.45 -6.48
N GLY A 237 -11.66 13.63 -6.84
CA GLY A 237 -12.70 13.77 -5.84
C GLY A 237 -12.90 12.52 -5.01
N ARG A 238 -12.92 11.37 -5.66
CA ARG A 238 -13.13 10.11 -4.95
C ARG A 238 -11.89 9.69 -4.18
N GLY A 239 -10.75 10.33 -4.45
CA GLY A 239 -9.58 10.11 -3.61
C GLY A 239 -9.49 11.11 -2.48
N LYS A 240 -10.10 12.27 -2.66
CA LYS A 240 -10.17 13.25 -1.57
C LYS A 240 -11.18 12.83 -0.52
N MET A 241 -12.31 12.26 -0.95
CA MET A 241 -13.30 11.82 0.02
C MET A 241 -12.79 10.65 0.85
N GLY A 242 -11.77 9.96 0.35
CA GLY A 242 -11.15 8.90 1.14
C GLY A 242 -10.18 9.44 2.17
N ILE A 243 -9.48 10.52 1.84
CA ILE A 243 -8.59 11.14 2.81
C ILE A 243 -9.36 11.79 3.93
N SER A 244 -10.49 12.43 3.61
CA SER A 244 -11.26 13.13 4.62
C SER A 244 -11.85 12.16 5.65
N SER A 245 -12.04 10.90 5.27
CA SER A 245 -12.52 9.92 6.23
C SER A 245 -11.38 9.33 7.05
N LEU A 246 -10.13 9.62 6.67
CA LEU A 246 -9.01 9.42 7.59
C LEU A 246 -8.90 10.59 8.55
N PHE A 247 -8.92 11.81 8.01
CA PHE A 247 -8.77 13.01 8.81
C PHE A 247 -9.73 13.04 9.99
N LYS A 248 -11.02 12.82 9.74
CA LYS A 248 -11.96 12.74 10.86
C LYS A 248 -11.59 11.60 11.80
N LEU A 249 -11.36 10.41 11.25
CA LEU A 249 -10.94 9.31 12.09
C LEU A 249 -9.53 9.49 12.65
N GLY A 250 -8.81 10.53 12.22
CA GLY A 250 -7.51 10.80 12.77
C GLY A 250 -7.55 11.99 13.69
N VAL A 251 -8.70 12.66 13.77
CA VAL A 251 -8.85 13.73 14.74
C VAL A 251 -9.76 13.34 15.89
N ARG A 252 -10.84 12.59 15.60
CA ARG A 252 -11.72 12.10 16.66
C ARG A 252 -10.96 11.26 17.68
N GLU A 253 -10.09 10.37 17.21
CA GLU A 253 -9.23 9.64 18.12
C GLU A 253 -8.43 10.59 19.00
N ALA A 254 -7.82 11.62 18.39
CA ALA A 254 -7.11 12.61 19.20
C ALA A 254 -8.07 13.27 20.19
N LYS A 255 -9.29 13.58 19.75
CA LYS A 255 -10.26 14.19 20.65
C LYS A 255 -10.68 13.26 21.78
N VAL A 256 -10.38 11.97 21.68
CA VAL A 256 -10.60 11.11 22.82
C VAL A 256 -9.37 11.06 23.71
N GLN A 257 -8.17 11.10 23.12
CA GLN A 257 -6.97 11.02 23.94
C GLN A 257 -6.86 12.21 24.89
N SER A 258 -7.31 13.38 24.45
CA SER A 258 -7.34 14.55 25.31
C SER A 258 -8.17 14.33 26.57
N LEU A 259 -9.12 13.41 26.55
CA LEU A 259 -9.91 13.12 27.74
C LEU A 259 -9.20 12.22 28.73
N VAL A 260 -7.90 11.97 28.56
CA VAL A 260 -7.14 11.28 29.59
C VAL A 260 -6.42 12.28 30.48
N GLY A 261 -6.18 13.47 29.98
CA GLY A 261 -5.47 14.50 30.73
C GLY A 261 -6.23 14.95 31.97
N PRO A 262 -7.38 15.58 31.76
CA PRO A 262 -8.13 16.08 32.91
C PRO A 262 -8.65 14.99 33.83
N LEU A 263 -9.26 13.95 33.27
CA LEU A 263 -9.95 12.93 34.08
C LEU A 263 -9.03 12.34 35.13
N ILE A 264 -7.84 11.91 34.72
CA ILE A 264 -6.85 11.40 35.67
C ILE A 264 -6.60 12.43 36.77
N SER A 265 -6.26 13.66 36.39
CA SER A 265 -6.11 14.72 37.38
C SER A 265 -7.36 14.87 38.21
N LEU A 266 -8.53 14.83 37.55
CA LEU A 266 -9.79 14.89 38.27
C LEU A 266 -9.86 13.82 39.35
N VAL A 267 -9.44 12.59 39.02
CA VAL A 267 -9.42 11.53 40.01
C VAL A 267 -8.54 11.92 41.18
N LEU A 268 -7.32 12.40 40.90
CA LEU A 268 -6.45 12.86 41.97
C LEU A 268 -7.12 13.95 42.78
N MET A 269 -7.89 14.82 42.10
CA MET A 269 -8.66 15.84 42.81
C MET A 269 -9.51 15.21 43.90
N ALA A 270 -10.31 14.20 43.55
CA ALA A 270 -11.10 13.50 44.56
C ALA A 270 -10.19 12.92 45.63
N ALA A 271 -9.08 12.29 45.22
CA ALA A 271 -8.14 11.73 46.18
C ALA A 271 -7.62 12.82 47.11
N LEU A 272 -7.37 14.02 46.56
CA LEU A 272 -6.98 15.13 47.41
C LEU A 272 -8.04 15.40 48.45
N VAL A 273 -9.30 15.54 48.02
CA VAL A 273 -10.39 15.70 48.97
C VAL A 273 -10.42 14.52 49.93
N ALA A 274 -10.15 13.31 49.43
CA ALA A 274 -10.04 12.16 50.29
C ALA A 274 -8.96 12.37 51.34
N VAL A 275 -7.74 12.73 50.91
CA VAL A 275 -6.67 12.93 51.89
C VAL A 275 -6.93 14.18 52.71
N ILE A 276 -7.81 15.05 52.22
CA ILE A 276 -8.26 16.14 53.08
C ILE A 276 -9.39 15.68 53.98
N GLY A 277 -10.32 14.89 53.43
CA GLY A 277 -11.48 14.49 54.19
C GLY A 277 -11.12 13.68 55.42
N TYR A 278 -10.49 12.52 55.21
CA TYR A 278 -9.91 11.80 56.34
C TYR A 278 -8.84 12.63 57.03
N GLY A 279 -8.17 13.51 56.28
CA GLY A 279 -7.25 14.44 56.90
C GLY A 279 -7.95 15.32 57.93
N GLY A 280 -9.17 15.75 57.63
CA GLY A 280 -9.97 16.43 58.64
C GLY A 280 -10.55 15.47 59.65
N MET A 281 -10.81 14.23 59.23
CA MET A 281 -11.35 13.24 60.16
C MET A 281 -10.30 12.81 61.17
N GLN A 282 -9.06 12.64 60.73
CA GLN A 282 -7.97 12.23 61.59
C GLN A 282 -7.18 13.41 62.16
N VAL A 283 -7.53 14.65 61.79
CA VAL A 283 -6.74 15.82 62.12
C VAL A 283 -6.49 15.99 63.62
N SER A 284 -7.27 15.33 64.47
CA SER A 284 -7.00 15.37 65.91
C SER A 284 -5.76 14.55 66.26
N SER A 285 -5.80 13.24 66.01
CA SER A 285 -4.66 12.39 66.29
C SER A 285 -3.57 12.54 65.25
N GLY A 286 -3.87 12.21 63.99
CA GLY A 286 -2.99 12.60 62.90
C GLY A 286 -2.91 14.10 62.71
N GLU A 287 -1.98 14.54 61.86
CA GLU A 287 -1.73 15.96 61.60
C GLU A 287 -0.98 16.63 62.75
N LEU A 288 -0.81 15.92 63.87
CA LEU A 288 0.11 16.39 64.90
C LEU A 288 1.52 16.52 64.32
N THR A 289 1.89 15.60 63.45
CA THR A 289 3.04 15.77 62.56
C THR A 289 2.59 16.31 61.21
N ALA A 290 2.22 17.60 61.18
CA ALA A 290 1.71 18.20 59.96
C ALA A 290 2.72 18.14 58.82
N GLY A 291 4.02 18.09 59.15
CA GLY A 291 5.01 17.81 58.14
C GLY A 291 4.77 16.48 57.43
N ALA A 292 4.23 15.50 58.17
CA ALA A 292 3.89 14.23 57.55
C ALA A 292 2.79 14.41 56.51
N LEU A 293 1.76 15.20 56.84
CA LEU A 293 0.71 15.48 55.87
C LEU A 293 1.25 16.23 54.66
N VAL A 294 2.14 17.19 54.90
CA VAL A 294 2.73 17.97 53.80
C VAL A 294 3.52 17.05 52.88
N ALA A 295 4.35 16.16 53.46
CA ALA A 295 5.09 15.19 52.67
C ALA A 295 4.17 14.22 51.96
N PHE A 296 3.06 13.85 52.60
CA PHE A 296 2.07 13.01 51.93
C PHE A 296 1.57 13.67 50.65
N ILE A 297 1.21 14.96 50.75
CA ILE A 297 0.74 15.69 49.58
C ILE A 297 1.81 15.82 48.50
N LEU A 298 3.04 16.13 48.91
CA LEU A 298 4.16 16.18 47.98
C LEU A 298 4.30 14.87 47.21
N TYR A 299 4.28 13.75 47.92
CA TYR A 299 4.44 12.48 47.25
C TYR A 299 3.22 12.12 46.42
N LEU A 300 2.05 12.66 46.77
CA LEU A 300 0.89 12.50 45.89
C LEU A 300 1.11 13.18 44.54
N PHE A 301 1.76 14.34 44.55
CA PHE A 301 2.16 14.94 43.27
C PHE A 301 3.12 14.03 42.52
N GLN A 302 4.16 13.57 43.21
CA GLN A 302 5.17 12.71 42.60
C GLN A 302 4.56 11.43 42.04
N ILE A 303 3.43 10.98 42.60
CA ILE A 303 2.77 9.78 42.10
C ILE A 303 1.80 10.12 40.98
N ILE A 304 1.29 11.35 40.93
CA ILE A 304 0.36 11.68 39.84
C ILE A 304 1.08 11.71 38.50
N MET A 305 2.41 11.90 38.52
CA MET A 305 3.13 11.78 37.24
C MET A 305 3.05 10.36 36.66
N PRO A 306 3.53 9.33 37.33
CA PRO A 306 3.55 7.99 36.71
C PRO A 306 2.16 7.43 36.45
N MET A 307 1.15 7.92 37.17
CA MET A 307 -0.21 7.51 36.84
C MET A 307 -0.60 7.98 35.44
N GLY A 308 -0.20 9.19 35.07
CA GLY A 308 -0.39 9.62 33.69
C GLY A 308 0.34 8.73 32.71
N GLN A 309 1.56 8.29 33.07
CA GLN A 309 2.27 7.38 32.19
C GLN A 309 1.51 6.07 31.99
N ILE A 310 1.03 5.48 33.09
CA ILE A 310 0.30 4.23 32.99
C ILE A 310 -0.98 4.41 32.17
N THR A 311 -1.65 5.55 32.33
CA THR A 311 -2.86 5.78 31.55
C THR A 311 -2.55 5.89 30.06
N THR A 312 -1.46 6.55 29.70
CA THR A 312 -1.03 6.57 28.30
C THR A 312 -0.79 5.16 27.80
N PHE A 313 -0.15 4.31 28.61
CA PHE A 313 0.11 2.95 28.13
C PHE A 313 -1.18 2.16 27.93
N PHE A 314 -2.14 2.30 28.84
CA PHE A 314 -3.39 1.54 28.67
C PHE A 314 -4.17 2.01 27.46
N THR A 315 -4.22 3.32 27.22
CA THR A 315 -4.91 3.79 26.02
C THR A 315 -4.18 3.32 24.76
N GLN A 316 -2.85 3.30 24.78
CA GLN A 316 -2.15 2.81 23.59
C GLN A 316 -2.34 1.31 23.40
N LEU A 317 -2.47 0.55 24.49
CA LEU A 317 -2.76 -0.87 24.33
C LEU A 317 -4.14 -1.07 23.72
N GLN A 318 -5.13 -0.32 24.18
CA GLN A 318 -6.44 -0.42 23.56
C GLN A 318 -6.42 -0.02 22.10
N LYS A 319 -5.64 0.99 21.73
CA LYS A 319 -5.56 1.37 20.33
C LYS A 319 -4.87 0.30 19.49
N SER A 320 -3.81 -0.29 20.01
CA SER A 320 -3.11 -1.32 19.24
C SER A 320 -3.98 -2.56 19.06
N ILE A 321 -4.75 -2.92 20.08
CA ILE A 321 -5.69 -4.03 19.91
C ILE A 321 -6.74 -3.66 18.86
N GLY A 322 -7.18 -2.41 18.86
CA GLY A 322 -8.13 -1.98 17.85
C GLY A 322 -7.55 -1.98 16.46
N ALA A 323 -6.23 -1.87 16.33
CA ALA A 323 -5.61 -1.93 15.02
C ALA A 323 -5.45 -3.37 14.56
N THR A 324 -5.09 -4.27 15.47
CA THR A 324 -4.76 -5.64 15.06
C THR A 324 -5.91 -6.62 15.27
N GLU A 325 -7.09 -6.16 15.66
CA GLU A 325 -8.21 -7.09 15.78
C GLU A 325 -8.75 -7.52 14.43
N ARG A 326 -8.30 -6.91 13.34
CA ARG A 326 -8.62 -7.39 12.01
C ARG A 326 -7.51 -8.26 11.43
N MET A 327 -6.28 -8.08 11.88
CA MET A 327 -5.17 -8.94 11.48
C MET A 327 -5.09 -10.21 12.31
N ILE A 328 -5.85 -10.29 13.41
CA ILE A 328 -5.83 -11.48 14.25
C ILE A 328 -6.77 -12.54 13.73
N GLU A 329 -7.37 -12.33 12.57
CA GLU A 329 -8.20 -13.36 11.94
C GLU A 329 -7.71 -13.74 10.55
N ILE A 330 -6.82 -12.97 9.95
CA ILE A 330 -6.17 -13.42 8.72
C ILE A 330 -5.24 -14.58 9.03
N LEU A 331 -4.81 -14.71 10.28
CA LEU A 331 -3.99 -15.82 10.72
C LEU A 331 -4.81 -17.03 11.16
N ALA A 332 -6.09 -17.09 10.80
CA ALA A 332 -6.97 -18.17 11.21
C ALA A 332 -7.86 -18.60 10.06
N GLU A 333 -7.28 -18.78 8.87
CA GLU A 333 -8.09 -18.97 7.68
C GLU A 333 -7.85 -20.29 6.95
N GLU A 334 -7.06 -21.20 7.53
CA GLU A 334 -6.99 -22.57 7.05
C GLU A 334 -6.48 -22.71 5.61
N GLU A 335 -5.20 -22.42 5.40
CA GLU A 335 -4.55 -22.78 4.15
C GLU A 335 -4.62 -24.28 3.91
N GLU A 336 -4.26 -24.71 2.70
CA GLU A 336 -4.67 -26.05 2.28
C GLU A 336 -3.62 -26.88 1.52
N ASP A 337 -2.34 -26.62 1.70
CA ASP A 337 -1.35 -27.17 0.78
C ASP A 337 -1.03 -28.62 1.19
N THR A 338 -0.08 -29.26 0.51
CA THR A 338 0.16 -30.69 0.43
C THR A 338 -0.10 -31.42 1.74
N VAL A 339 -1.08 -32.34 1.74
CA VAL A 339 -1.40 -33.08 2.96
C VAL A 339 -1.39 -34.59 2.70
N THR A 340 -2.08 -35.03 1.65
CA THR A 340 -2.21 -36.46 1.39
C THR A 340 -0.90 -37.06 0.92
N GLY A 341 -0.11 -36.30 0.17
CA GLY A 341 1.21 -36.77 -0.22
C GLY A 341 1.22 -37.93 -1.18
N LYS A 342 0.06 -38.30 -1.71
CA LYS A 342 0.00 -39.35 -2.71
C LYS A 342 0.53 -38.79 -4.04
N GLN A 343 1.85 -38.68 -4.13
CA GLN A 343 2.51 -38.06 -5.28
C GLN A 343 2.09 -38.74 -6.57
N ILE A 344 1.63 -37.93 -7.53
CA ILE A 344 1.14 -38.46 -8.79
C ILE A 344 2.24 -39.24 -9.50
N GLU A 345 1.88 -40.33 -10.16
CA GLU A 345 2.89 -41.24 -10.68
C GLU A 345 2.80 -41.39 -12.20
N ASN A 346 1.61 -41.23 -12.75
CA ASN A 346 1.45 -41.45 -14.19
C ASN A 346 1.13 -40.16 -14.92
N ALA A 347 0.02 -39.52 -14.55
CA ALA A 347 -0.45 -38.28 -15.16
C ALA A 347 -0.84 -38.44 -16.63
N HIS A 348 -0.79 -39.66 -17.16
CA HIS A 348 -1.08 -39.95 -18.55
C HIS A 348 -2.41 -40.68 -18.72
N LEU A 349 -3.27 -40.62 -17.69
CA LEU A 349 -4.58 -41.25 -17.70
C LEU A 349 -5.62 -40.25 -18.18
N PRO A 350 -6.77 -40.72 -18.66
CA PRO A 350 -7.84 -39.79 -19.05
C PRO A 350 -8.52 -39.22 -17.83
N ILE A 351 -8.66 -37.89 -17.81
CA ILE A 351 -9.33 -37.19 -16.72
C ILE A 351 -10.83 -37.38 -16.90
N GLN A 352 -11.47 -38.04 -15.95
CA GLN A 352 -12.91 -38.22 -15.98
C GLN A 352 -13.58 -37.18 -15.09
N LEU A 353 -14.71 -36.69 -15.55
CA LEU A 353 -15.55 -35.78 -14.79
C LEU A 353 -16.90 -36.42 -14.56
N ASP A 354 -17.19 -36.71 -13.29
CA ASP A 354 -18.48 -37.27 -12.90
C ASP A 354 -19.44 -36.10 -12.71
N ARG A 355 -20.66 -36.36 -12.28
CA ARG A 355 -21.67 -35.30 -12.23
C ARG A 355 -20.81 -34.35 -11.41
N VAL A 356 -20.45 -33.23 -12.02
CA VAL A 356 -19.76 -32.14 -11.35
C VAL A 356 -20.59 -30.88 -11.44
N SER A 357 -20.62 -30.12 -10.36
CA SER A 357 -21.33 -28.86 -10.33
C SER A 357 -20.63 -27.92 -9.36
N PHE A 358 -20.60 -26.64 -9.71
CA PHE A 358 -19.80 -25.70 -8.96
C PHE A 358 -20.36 -24.29 -9.14
N GLY A 359 -20.39 -23.54 -8.06
CA GLY A 359 -20.78 -22.15 -8.11
C GLY A 359 -19.91 -21.34 -7.18
N TYR A 360 -19.49 -20.17 -7.67
CA TYR A 360 -18.63 -19.31 -6.88
C TYR A 360 -19.32 -18.89 -5.59
N LYS A 361 -20.51 -18.34 -5.70
CA LYS A 361 -21.35 -18.16 -4.52
C LYS A 361 -22.26 -19.37 -4.36
N PRO A 362 -22.60 -19.75 -3.12
CA PRO A 362 -23.30 -21.03 -2.91
C PRO A 362 -24.70 -21.08 -3.51
N ASP A 363 -25.34 -19.95 -3.79
CA ASP A 363 -26.71 -19.98 -4.28
C ASP A 363 -26.75 -20.31 -5.77
N GLN A 364 -26.07 -19.52 -6.59
CA GLN A 364 -26.15 -19.65 -8.04
C GLN A 364 -25.15 -20.70 -8.50
N LEU A 365 -25.59 -21.58 -9.39
CA LEU A 365 -24.74 -22.62 -9.95
C LEU A 365 -24.32 -22.22 -11.35
N ILE A 366 -23.01 -22.25 -11.60
CA ILE A 366 -22.46 -21.91 -12.89
C ILE A 366 -22.14 -23.17 -13.71
N LEU A 367 -21.93 -24.29 -13.05
CA LEU A 367 -21.77 -25.58 -13.72
C LEU A 367 -22.82 -26.54 -13.17
N LYS A 368 -23.73 -26.97 -14.03
CA LYS A 368 -24.88 -27.77 -13.61
C LYS A 368 -24.70 -29.20 -14.11
N GLU A 369 -24.04 -30.03 -13.30
CA GLU A 369 -23.86 -31.45 -13.59
C GLU A 369 -23.16 -31.67 -14.93
N VAL A 370 -22.00 -31.04 -15.07
CA VAL A 370 -21.13 -31.30 -16.21
C VAL A 370 -20.53 -32.69 -16.06
N SER A 371 -20.24 -33.33 -17.19
CA SER A 371 -19.64 -34.66 -17.17
C SER A 371 -18.96 -34.91 -18.52
N ALA A 372 -17.64 -34.95 -18.52
CA ALA A 372 -16.87 -35.12 -19.74
C ALA A 372 -15.72 -36.08 -19.46
N VAL A 373 -15.03 -36.46 -20.54
CA VAL A 373 -13.90 -37.38 -20.44
C VAL A 373 -12.79 -36.81 -21.29
N ILE A 374 -11.84 -36.12 -20.66
CA ILE A 374 -10.67 -35.60 -21.34
C ILE A 374 -9.75 -36.77 -21.60
N GLU A 375 -9.61 -37.16 -22.86
CA GLU A 375 -8.78 -38.29 -23.21
C GLU A 375 -7.31 -38.00 -22.94
N ALA A 376 -6.53 -39.07 -22.79
CA ALA A 376 -5.11 -38.96 -22.51
C ALA A 376 -4.32 -38.95 -23.80
N GLY A 377 -3.53 -37.89 -24.00
CA GLY A 377 -2.71 -37.81 -25.18
C GLY A 377 -3.41 -37.32 -26.42
N LYS A 378 -4.48 -36.56 -26.28
CA LYS A 378 -5.23 -36.04 -27.41
C LYS A 378 -5.66 -34.61 -27.14
N VAL A 379 -6.18 -33.96 -28.17
CA VAL A 379 -6.56 -32.56 -28.10
C VAL A 379 -8.07 -32.49 -27.89
N THR A 380 -8.48 -31.95 -26.75
CA THR A 380 -9.89 -31.69 -26.46
C THR A 380 -10.09 -30.20 -26.33
N ALA A 381 -11.01 -29.65 -27.12
CA ALA A 381 -11.24 -28.21 -27.17
C ALA A 381 -12.57 -27.88 -26.53
N ILE A 382 -12.52 -27.12 -25.45
CA ILE A 382 -13.72 -26.58 -24.83
C ILE A 382 -14.11 -25.33 -25.59
N VAL A 383 -15.20 -25.38 -26.33
CA VAL A 383 -15.65 -24.26 -27.14
C VAL A 383 -17.08 -23.92 -26.74
N GLY A 384 -17.41 -22.64 -26.81
CA GLY A 384 -18.74 -22.20 -26.49
C GLY A 384 -18.83 -20.70 -26.35
N PRO A 385 -20.04 -20.16 -26.43
CA PRO A 385 -20.21 -18.71 -26.33
C PRO A 385 -19.79 -18.19 -24.98
N SER A 386 -19.45 -16.91 -24.94
CA SER A 386 -18.98 -16.28 -23.72
C SER A 386 -20.03 -16.39 -22.61
N GLY A 387 -19.58 -16.22 -21.38
CA GLY A 387 -20.47 -16.40 -20.26
C GLY A 387 -20.96 -17.81 -20.06
N GLY A 388 -20.32 -18.80 -20.67
CA GLY A 388 -20.79 -20.16 -20.61
C GLY A 388 -20.16 -21.00 -19.51
N GLY A 389 -19.03 -20.55 -18.98
CA GLY A 389 -18.40 -21.30 -17.91
C GLY A 389 -17.31 -22.25 -18.36
N LYS A 390 -16.34 -21.76 -19.13
CA LYS A 390 -15.19 -22.56 -19.53
C LYS A 390 -14.01 -22.38 -18.59
N THR A 391 -13.54 -21.15 -18.41
CA THR A 391 -12.43 -20.92 -17.50
C THR A 391 -12.75 -21.37 -16.09
N THR A 392 -14.02 -21.30 -15.69
CA THR A 392 -14.38 -21.90 -14.42
C THR A 392 -14.28 -23.41 -14.47
N LEU A 393 -14.48 -24.01 -15.65
CA LEU A 393 -14.25 -25.45 -15.75
C LEU A 393 -12.78 -25.79 -15.59
N PHE A 394 -11.87 -24.94 -16.09
CA PHE A 394 -10.47 -25.20 -15.81
C PHE A 394 -10.12 -24.97 -14.35
N LYS A 395 -10.63 -23.90 -13.76
CA LYS A 395 -10.37 -23.68 -12.35
C LYS A 395 -10.92 -24.81 -11.49
N LEU A 396 -11.95 -25.51 -11.96
CA LEU A 396 -12.27 -26.78 -11.33
C LEU A 396 -11.23 -27.84 -11.64
N LEU A 397 -10.76 -27.91 -12.89
CA LEU A 397 -9.86 -28.96 -13.33
C LEU A 397 -8.42 -28.77 -12.84
N GLU A 398 -8.11 -27.62 -12.25
CA GLU A 398 -6.80 -27.40 -11.65
C GLU A 398 -6.89 -27.28 -10.13
N ARG A 399 -8.08 -27.53 -9.58
CA ARG A 399 -8.32 -27.56 -8.14
C ARG A 399 -7.90 -26.27 -7.44
N PHE A 400 -8.10 -25.13 -8.09
CA PHE A 400 -8.14 -23.90 -7.31
C PHE A 400 -9.27 -23.96 -6.29
N TYR A 401 -10.49 -24.14 -6.76
CA TYR A 401 -11.65 -24.40 -5.93
C TYR A 401 -11.90 -25.90 -5.90
N SER A 402 -12.99 -26.29 -5.26
CA SER A 402 -13.37 -27.69 -5.29
C SER A 402 -14.84 -27.81 -5.64
N PRO A 403 -15.22 -28.89 -6.32
CA PRO A 403 -16.60 -29.02 -6.77
C PRO A 403 -17.56 -29.16 -5.60
N THR A 404 -18.82 -28.81 -5.84
CA THR A 404 -19.86 -29.04 -4.83
C THR A 404 -20.57 -30.37 -5.08
N ALA A 405 -20.65 -30.79 -6.33
CA ALA A 405 -21.22 -32.08 -6.69
C ALA A 405 -20.09 -33.12 -6.70
N GLY A 406 -20.33 -34.28 -7.32
CA GLY A 406 -19.29 -35.30 -7.42
C GLY A 406 -18.01 -34.77 -8.03
N THR A 407 -16.95 -35.55 -7.88
CA THR A 407 -15.60 -35.04 -8.06
C THR A 407 -14.97 -35.57 -9.35
N ILE A 408 -13.75 -35.11 -9.62
CA ILE A 408 -12.98 -35.50 -10.79
C ILE A 408 -12.23 -36.78 -10.46
N ARG A 409 -11.79 -37.51 -11.50
CA ARG A 409 -11.06 -38.75 -11.29
C ARG A 409 -9.97 -38.93 -12.32
N LEU A 410 -8.94 -39.70 -11.94
CA LEU A 410 -7.89 -40.17 -12.84
C LEU A 410 -7.83 -41.68 -12.67
N GLY A 411 -8.22 -42.41 -13.71
CA GLY A 411 -8.21 -43.86 -13.65
C GLY A 411 -9.06 -44.41 -12.52
N ASP A 412 -10.26 -43.86 -12.38
CA ASP A 412 -11.22 -44.26 -11.36
C ASP A 412 -10.80 -43.88 -9.94
N GLU A 413 -9.88 -42.93 -9.80
CA GLU A 413 -9.47 -42.45 -8.49
C GLU A 413 -9.79 -40.97 -8.36
N PRO A 414 -10.40 -40.54 -7.26
CA PRO A 414 -10.79 -39.13 -7.14
C PRO A 414 -9.57 -38.24 -7.02
N VAL A 415 -9.66 -37.07 -7.66
CA VAL A 415 -8.53 -36.14 -7.70
C VAL A 415 -8.21 -35.53 -6.35
N ASP A 416 -9.05 -35.73 -5.34
CA ASP A 416 -8.73 -35.32 -3.99
C ASP A 416 -7.90 -36.36 -3.25
N THR A 417 -7.43 -37.40 -3.94
CA THR A 417 -6.54 -38.40 -3.37
C THR A 417 -5.09 -38.08 -3.67
N TYR A 418 -4.84 -37.15 -4.58
CA TYR A 418 -3.49 -36.75 -4.91
C TYR A 418 -3.19 -35.38 -4.32
N SER A 419 -2.04 -35.27 -3.67
CA SER A 419 -1.67 -34.02 -3.03
C SER A 419 -1.50 -32.93 -4.07
N LEU A 420 -1.90 -31.71 -3.69
CA LEU A 420 -1.95 -30.61 -4.66
C LEU A 420 -0.58 -30.29 -5.25
N GLU A 421 0.49 -30.41 -4.46
CA GLU A 421 1.80 -30.08 -4.98
C GLU A 421 2.22 -31.03 -6.09
N SER A 422 1.73 -32.27 -6.05
CA SER A 422 2.01 -33.20 -7.13
C SER A 422 1.01 -33.08 -8.26
N TRP A 423 0.01 -32.22 -8.14
CA TRP A 423 -1.00 -32.03 -9.17
C TRP A 423 -0.85 -30.70 -9.89
N ARG A 424 -0.23 -29.70 -9.29
CA ARG A 424 0.01 -28.44 -9.98
C ARG A 424 1.39 -28.37 -10.59
N GLU A 425 2.30 -29.26 -10.23
CA GLU A 425 3.59 -29.37 -10.89
C GLU A 425 3.52 -30.21 -12.15
N HIS A 426 2.33 -30.70 -12.50
CA HIS A 426 2.16 -31.53 -13.69
C HIS A 426 1.27 -30.87 -14.73
N ILE A 427 0.71 -29.70 -14.43
CA ILE A 427 -0.30 -29.07 -15.27
C ILE A 427 0.10 -27.64 -15.54
N GLY A 428 0.39 -27.34 -16.80
CA GLY A 428 0.78 -26.00 -17.21
C GLY A 428 -0.42 -25.26 -17.77
N TYR A 429 -0.79 -24.16 -17.12
CA TYR A 429 -2.09 -23.52 -17.30
C TYR A 429 -1.89 -22.07 -17.67
N VAL A 430 -2.20 -21.72 -18.92
CA VAL A 430 -2.15 -20.34 -19.39
C VAL A 430 -3.52 -19.72 -19.24
N SER A 431 -3.61 -18.63 -18.48
CA SER A 431 -4.88 -18.01 -18.13
C SER A 431 -5.42 -17.16 -19.27
N GLN A 432 -6.63 -16.64 -19.08
CA GLN A 432 -7.22 -15.75 -20.08
C GLN A 432 -6.53 -14.39 -20.11
N GLU A 433 -5.92 -13.98 -19.00
CA GLU A 433 -5.27 -12.68 -18.96
C GLU A 433 -3.80 -12.76 -19.32
N SER A 434 -3.17 -13.93 -19.15
CA SER A 434 -1.74 -14.10 -19.30
C SER A 434 -1.03 -13.06 -18.44
N PRO A 435 -1.15 -13.15 -17.11
CA PRO A 435 -0.60 -12.11 -16.26
C PRO A 435 0.91 -12.21 -16.18
N LEU A 436 1.57 -11.06 -16.19
CA LEU A 436 3.00 -10.99 -15.98
C LEU A 436 3.27 -10.26 -14.67
N MET A 437 4.48 -10.42 -14.17
CA MET A 437 4.90 -9.75 -12.96
C MET A 437 6.14 -8.93 -13.27
N SER A 438 6.29 -7.82 -12.55
CA SER A 438 7.44 -6.96 -12.74
C SER A 438 8.72 -7.72 -12.47
N GLY A 439 9.77 -7.39 -13.21
CA GLY A 439 11.03 -8.07 -13.12
C GLY A 439 11.56 -8.35 -14.50
N THR A 440 12.45 -9.34 -14.58
CA THR A 440 13.03 -9.70 -15.85
C THR A 440 12.02 -10.47 -16.69
N ILE A 441 12.42 -10.81 -17.92
CA ILE A 441 11.67 -11.78 -18.69
C ILE A 441 12.15 -13.19 -18.32
N ARG A 442 13.35 -13.28 -17.76
CA ARG A 442 13.83 -14.54 -17.23
C ARG A 442 13.28 -14.79 -15.83
N GLU A 443 12.53 -13.84 -15.30
CA GLU A 443 11.82 -14.04 -14.05
C GLU A 443 10.33 -14.24 -14.29
N ASN A 444 9.92 -14.33 -15.55
CA ASN A 444 8.54 -14.69 -15.89
C ASN A 444 8.46 -15.90 -16.81
N ILE A 445 9.45 -16.08 -17.68
CA ILE A 445 9.48 -17.30 -18.48
C ILE A 445 9.77 -18.50 -17.61
N CYS A 446 10.56 -18.33 -16.56
CA CYS A 446 10.78 -19.37 -15.56
C CYS A 446 10.34 -18.80 -14.23
N TYR A 447 9.33 -19.41 -13.63
CA TYR A 447 8.72 -18.90 -12.41
C TYR A 447 8.49 -20.06 -11.44
N GLY A 448 9.14 -19.99 -10.29
CA GLY A 448 8.99 -21.02 -9.28
C GLY A 448 9.73 -22.30 -9.58
N LEU A 449 10.36 -22.42 -10.74
CA LEU A 449 11.13 -23.61 -11.05
C LEU A 449 12.32 -23.72 -10.11
N GLU A 450 12.27 -24.73 -9.24
CA GLU A 450 13.33 -24.96 -8.26
C GLU A 450 14.67 -25.24 -8.92
N ARG A 451 14.67 -25.84 -10.11
CA ARG A 451 15.90 -26.12 -10.82
C ARG A 451 16.56 -24.82 -11.25
N ASP A 452 17.82 -24.91 -11.65
CA ASP A 452 18.47 -23.83 -12.40
C ASP A 452 17.88 -24.17 -13.76
N VAL A 453 17.77 -23.15 -14.62
CA VAL A 453 16.88 -23.24 -15.78
C VAL A 453 18.16 -22.89 -16.52
N THR A 454 18.52 -23.71 -17.50
CA THR A 454 19.87 -23.58 -18.11
C THR A 454 19.44 -22.46 -19.07
N ASP A 455 20.37 -21.93 -19.84
CA ASP A 455 19.90 -20.88 -20.76
C ASP A 455 19.53 -21.65 -22.02
N ALA A 456 19.91 -22.92 -22.12
CA ALA A 456 19.52 -23.60 -23.36
C ALA A 456 18.05 -23.97 -23.11
N GLU A 457 17.69 -24.38 -21.90
CA GLU A 457 16.25 -24.66 -21.66
C GLU A 457 15.40 -23.40 -21.76
N ILE A 458 15.79 -22.26 -21.21
CA ILE A 458 14.82 -21.13 -21.38
C ILE A 458 14.67 -21.00 -22.89
N GLU A 459 15.74 -21.17 -23.65
CA GLU A 459 15.53 -20.95 -25.10
C GLU A 459 14.66 -22.00 -25.80
N LYS A 460 14.88 -23.30 -25.60
CA LYS A 460 14.03 -24.24 -26.38
C LYS A 460 12.61 -24.08 -25.88
N ALA A 461 12.43 -23.26 -24.86
CA ALA A 461 11.07 -22.92 -24.48
C ALA A 461 10.59 -21.69 -25.24
N ALA A 462 11.30 -20.58 -25.12
CA ALA A 462 10.88 -19.35 -25.77
C ALA A 462 10.91 -19.44 -27.28
N GLU A 463 11.62 -20.43 -27.85
CA GLU A 463 11.51 -20.67 -29.28
C GLU A 463 10.27 -21.47 -29.61
N MET A 464 9.85 -22.37 -28.71
CA MET A 464 8.62 -23.12 -28.93
C MET A 464 7.37 -22.25 -28.83
N ALA A 465 7.48 -21.05 -28.26
CA ALA A 465 6.37 -20.13 -28.16
C ALA A 465 6.50 -18.94 -29.09
N TYR A 466 7.41 -19.01 -30.06
CA TYR A 466 7.61 -17.93 -31.02
C TYR A 466 8.00 -16.63 -30.34
N ALA A 467 8.72 -16.75 -29.22
CA ALA A 467 9.19 -15.59 -28.48
C ALA A 467 10.64 -15.25 -28.73
N LEU A 468 11.42 -16.18 -29.29
CA LEU A 468 12.84 -15.92 -29.50
C LEU A 468 13.07 -14.83 -30.53
N ASN A 469 12.09 -14.58 -31.40
CA ASN A 469 12.27 -13.56 -32.44
C ASN A 469 12.19 -12.15 -31.86
N PHE A 470 11.18 -11.90 -31.01
CA PHE A 470 10.97 -10.55 -30.53
C PHE A 470 11.81 -10.26 -29.30
N ILE A 471 12.30 -11.30 -28.63
CA ILE A 471 12.99 -11.09 -27.36
C ILE A 471 14.47 -10.83 -27.60
N LYS A 472 14.92 -11.00 -28.84
CA LYS A 472 16.29 -10.65 -29.20
C LYS A 472 16.36 -9.26 -29.81
N GLU A 473 15.26 -8.70 -30.24
CA GLU A 473 15.44 -7.34 -30.76
C GLU A 473 15.72 -6.41 -29.59
N LEU A 474 15.27 -6.73 -28.38
CA LEU A 474 15.39 -5.80 -27.24
C LEU A 474 16.76 -6.04 -26.57
N PRO A 475 17.16 -5.41 -25.43
CA PRO A 475 18.47 -5.71 -24.77
C PRO A 475 18.66 -7.19 -24.39
N ASN A 476 17.62 -8.03 -24.27
CA ASN A 476 17.73 -9.52 -24.15
C ASN A 476 16.81 -10.13 -23.10
N GLN A 477 16.91 -11.45 -22.86
CA GLN A 477 16.01 -12.21 -21.95
C GLN A 477 16.28 -11.58 -20.65
N PHE A 478 17.39 -10.86 -20.67
CA PHE A 478 17.81 -10.31 -19.39
C PHE A 478 16.83 -9.55 -18.59
N ASP A 479 16.20 -8.64 -19.28
CA ASP A 479 15.17 -7.90 -18.54
C ASP A 479 14.83 -6.84 -19.52
N THR A 480 13.66 -6.91 -20.10
CA THR A 480 13.35 -5.71 -20.86
C THR A 480 12.30 -5.70 -19.76
N GLU A 481 12.56 -5.01 -18.65
CA GLU A 481 11.67 -5.18 -17.50
C GLU A 481 10.23 -5.04 -17.97
N VAL A 482 9.40 -5.99 -17.64
CA VAL A 482 8.04 -5.96 -18.15
C VAL A 482 7.25 -5.09 -17.22
N GLY A 483 7.83 -4.56 -16.16
CA GLY A 483 7.22 -3.58 -15.30
C GLY A 483 5.97 -4.08 -14.63
N GLU A 484 5.22 -3.13 -14.10
CA GLU A 484 3.98 -3.43 -13.41
C GLU A 484 2.95 -3.98 -14.40
N ARG A 485 2.49 -5.20 -14.13
CA ARG A 485 1.44 -5.83 -14.92
C ARG A 485 1.86 -5.98 -16.38
N GLY A 486 3.16 -6.08 -16.61
CA GLY A 486 3.65 -6.31 -17.97
C GLY A 486 3.29 -5.22 -18.95
N ILE A 487 3.29 -3.97 -18.49
CA ILE A 487 2.88 -2.87 -19.35
C ILE A 487 3.98 -2.37 -20.27
N MET A 488 5.21 -2.81 -20.07
CA MET A 488 6.30 -2.47 -20.99
C MET A 488 6.39 -3.44 -22.16
N LEU A 489 5.43 -4.35 -22.29
CA LEU A 489 5.31 -5.21 -23.45
C LEU A 489 3.93 -5.02 -24.07
N SER A 490 3.72 -5.62 -25.22
CA SER A 490 2.48 -5.40 -25.96
C SER A 490 1.36 -6.22 -25.35
N GLY A 491 0.25 -6.31 -26.07
CA GLY A 491 -0.81 -7.22 -25.70
C GLY A 491 -0.69 -8.58 -26.34
N GLY A 492 0.18 -8.72 -27.33
CA GLY A 492 0.47 -10.01 -27.92
C GLY A 492 1.77 -10.60 -27.43
N GLN A 493 2.78 -9.79 -27.21
CA GLN A 493 4.05 -10.29 -26.70
C GLN A 493 3.89 -10.91 -25.32
N ARG A 494 3.02 -10.34 -24.47
CA ARG A 494 2.89 -10.88 -23.13
C ARG A 494 2.15 -12.21 -23.15
N GLN A 495 1.20 -12.39 -24.08
CA GLN A 495 0.59 -13.71 -24.22
C GLN A 495 1.62 -14.72 -24.72
N ARG A 496 2.51 -14.30 -25.62
CA ARG A 496 3.55 -15.22 -26.05
C ARG A 496 4.47 -15.59 -24.90
N ILE A 497 4.78 -14.63 -24.03
CA ILE A 497 5.61 -14.95 -22.86
C ILE A 497 4.88 -15.90 -21.92
N ALA A 498 3.56 -15.72 -21.76
CA ALA A 498 2.83 -16.62 -20.88
C ALA A 498 2.81 -18.04 -21.44
N ILE A 499 2.61 -18.18 -22.75
CA ILE A 499 2.69 -19.51 -23.36
C ILE A 499 4.07 -20.09 -23.17
N ALA A 500 5.11 -19.25 -23.26
CA ALA A 500 6.46 -19.75 -22.99
C ALA A 500 6.60 -20.24 -21.57
N ARG A 501 6.04 -19.51 -20.60
CA ARG A 501 6.12 -19.95 -19.21
C ARG A 501 5.41 -21.27 -19.00
N ALA A 502 4.30 -21.49 -19.70
CA ALA A 502 3.65 -22.78 -19.57
C ALA A 502 4.43 -23.89 -20.25
N LEU A 503 5.10 -23.58 -21.37
CA LEU A 503 5.83 -24.60 -22.09
C LEU A 503 7.18 -24.92 -21.47
N LEU A 504 7.68 -24.07 -20.57
CA LEU A 504 9.01 -24.29 -20.02
C LEU A 504 9.00 -25.44 -19.02
N ARG A 505 7.88 -25.68 -18.36
CA ARG A 505 7.82 -26.67 -17.29
C ARG A 505 7.66 -28.10 -17.78
N ASN A 506 7.50 -28.30 -19.08
CA ASN A 506 7.37 -29.63 -19.66
C ASN A 506 6.20 -30.37 -19.03
N PRO A 507 5.00 -29.81 -19.07
CA PRO A 507 3.89 -30.37 -18.31
C PRO A 507 3.22 -31.53 -19.05
N SER A 508 2.69 -32.46 -18.25
CA SER A 508 1.95 -33.57 -18.83
C SER A 508 0.58 -33.13 -19.33
N ILE A 509 -0.13 -32.32 -18.56
CA ILE A 509 -1.42 -31.78 -18.96
C ILE A 509 -1.24 -30.28 -19.22
N LEU A 510 -1.54 -29.87 -20.44
CA LEU A 510 -1.50 -28.46 -20.83
C LEU A 510 -2.92 -27.92 -20.86
N MET A 511 -3.07 -26.65 -20.49
CA MET A 511 -4.39 -26.02 -20.42
C MET A 511 -4.28 -24.59 -20.94
N LEU A 512 -4.66 -24.38 -22.19
CA LEU A 512 -4.52 -23.08 -22.86
C LEU A 512 -5.88 -22.39 -22.86
N ASP A 513 -6.07 -21.43 -21.95
CA ASP A 513 -7.29 -20.63 -21.89
C ASP A 513 -7.19 -19.48 -22.87
N ALA A 514 -7.37 -19.80 -24.15
CA ALA A 514 -7.33 -18.81 -25.22
C ALA A 514 -5.98 -18.12 -25.26
N ALA A 515 -4.94 -18.94 -25.45
CA ALA A 515 -3.59 -18.43 -25.50
C ALA A 515 -3.26 -17.75 -26.82
N THR A 516 -4.02 -18.03 -27.87
CA THR A 516 -3.84 -17.39 -29.17
C THR A 516 -4.90 -16.32 -29.39
N SER A 517 -5.27 -15.61 -28.33
CA SER A 517 -6.34 -14.62 -28.39
C SER A 517 -5.88 -13.34 -29.06
N SER A 518 -4.89 -12.69 -28.49
CA SER A 518 -4.53 -11.32 -28.89
C SER A 518 -3.32 -11.26 -29.80
N LEU A 519 -2.86 -12.38 -30.34
CA LEU A 519 -1.76 -12.34 -31.27
C LEU A 519 -2.27 -12.55 -32.70
N ASP A 520 -1.47 -12.11 -33.66
CA ASP A 520 -1.88 -12.08 -35.05
C ASP A 520 -1.96 -13.50 -35.63
N SER A 521 -2.24 -13.57 -36.92
CA SER A 521 -2.47 -14.87 -37.56
C SER A 521 -1.15 -15.62 -37.77
N GLN A 522 -0.11 -14.92 -38.22
CA GLN A 522 1.17 -15.58 -38.48
C GLN A 522 1.74 -16.20 -37.22
N SER A 523 1.82 -15.41 -36.14
CA SER A 523 2.27 -15.94 -34.87
C SER A 523 1.37 -17.05 -34.35
N GLU A 524 0.07 -16.96 -34.62
CA GLU A 524 -0.85 -18.03 -34.25
C GLU A 524 -0.47 -19.34 -34.93
N LYS A 525 -0.24 -19.29 -36.24
CA LYS A 525 0.15 -20.50 -36.96
C LYS A 525 1.47 -21.06 -36.45
N SER A 526 2.44 -20.19 -36.19
CA SER A 526 3.74 -20.66 -35.73
C SER A 526 3.63 -21.33 -34.36
N VAL A 527 2.95 -20.67 -33.41
CA VAL A 527 2.83 -21.24 -32.08
C VAL A 527 2.01 -22.52 -32.13
N GLN A 528 1.01 -22.59 -33.01
CA GLN A 528 0.22 -23.81 -33.15
C GLN A 528 1.08 -24.96 -33.65
N GLN A 529 1.90 -24.71 -34.67
CA GLN A 529 2.78 -25.75 -35.18
C GLN A 529 3.76 -26.22 -34.11
N ALA A 530 4.33 -25.26 -33.37
CA ALA A 530 5.28 -25.64 -32.32
C ALA A 530 4.64 -26.46 -31.22
N LEU A 531 3.46 -26.03 -30.75
CA LEU A 531 2.79 -26.75 -29.68
C LEU A 531 2.36 -28.13 -30.13
N GLU A 532 1.89 -28.26 -31.38
CA GLU A 532 1.52 -29.58 -31.88
C GLU A 532 2.73 -30.47 -32.12
N VAL A 533 3.90 -29.88 -32.38
CA VAL A 533 5.11 -30.69 -32.51
C VAL A 533 5.59 -31.16 -31.14
N LEU A 534 5.43 -30.32 -30.13
CA LEU A 534 5.92 -30.69 -28.79
C LEU A 534 4.95 -31.63 -28.08
N MET A 535 3.73 -31.15 -27.82
CA MET A 535 2.78 -31.88 -26.99
C MET A 535 2.00 -32.91 -27.81
N GLU A 536 2.72 -33.87 -28.41
CA GLU A 536 2.06 -34.92 -29.17
C GLU A 536 1.69 -36.10 -28.29
N GLY A 537 2.55 -36.44 -27.34
CA GLY A 537 2.29 -37.59 -26.49
C GLY A 537 1.58 -37.22 -25.21
N ARG A 538 1.37 -35.93 -24.96
CA ARG A 538 0.78 -35.49 -23.71
C ARG A 538 -0.64 -34.98 -23.95
N THR A 539 -1.37 -34.75 -22.87
CA THR A 539 -2.76 -34.35 -22.93
C THR A 539 -2.83 -32.82 -22.92
N THR A 540 -3.61 -32.26 -23.84
CA THR A 540 -3.76 -30.82 -23.99
C THR A 540 -5.24 -30.48 -24.02
N ILE A 541 -5.60 -29.34 -23.42
CA ILE A 541 -6.98 -28.85 -23.37
C ILE A 541 -6.95 -27.37 -23.72
N VAL A 542 -7.47 -27.02 -24.88
CA VAL A 542 -7.42 -25.64 -25.35
C VAL A 542 -8.84 -25.10 -25.51
N ILE A 543 -9.02 -23.83 -25.14
CA ILE A 543 -10.23 -23.08 -25.46
C ILE A 543 -10.01 -22.36 -26.77
N ALA A 544 -10.95 -22.50 -27.69
CA ALA A 544 -10.89 -21.83 -28.97
C ALA A 544 -12.10 -20.91 -29.11
N HIS A 545 -11.86 -19.60 -29.04
CA HIS A 545 -12.94 -18.66 -29.25
C HIS A 545 -13.30 -18.53 -30.72
N ARG A 546 -12.33 -18.76 -31.60
CA ARG A 546 -12.57 -18.79 -33.03
C ARG A 546 -12.20 -20.17 -33.55
N LEU A 547 -13.17 -20.86 -34.14
CA LEU A 547 -13.09 -22.30 -34.37
C LEU A 547 -12.04 -22.70 -35.40
N SER A 548 -11.37 -21.76 -36.05
CA SER A 548 -10.39 -22.14 -37.07
C SER A 548 -9.16 -22.80 -36.48
N THR A 549 -8.93 -22.64 -35.17
CA THR A 549 -7.70 -23.11 -34.57
C THR A 549 -7.83 -24.49 -33.93
N VAL A 550 -9.03 -25.03 -33.82
CA VAL A 550 -9.20 -26.34 -33.18
C VAL A 550 -10.04 -27.27 -34.06
N VAL A 551 -10.08 -27.01 -35.36
CA VAL A 551 -10.80 -27.90 -36.27
C VAL A 551 -10.21 -29.29 -36.22
N ASP A 552 -8.90 -29.41 -36.01
CA ASP A 552 -8.20 -30.68 -36.00
C ASP A 552 -8.18 -31.34 -34.63
N ALA A 553 -8.91 -30.78 -33.66
CA ALA A 553 -8.90 -31.36 -32.32
C ALA A 553 -9.59 -32.73 -32.34
N ASP A 554 -9.21 -33.56 -31.38
CA ASP A 554 -9.76 -34.91 -31.31
C ASP A 554 -11.13 -34.95 -30.66
N GLN A 555 -11.37 -34.13 -29.64
CA GLN A 555 -12.69 -34.06 -29.04
C GLN A 555 -13.10 -32.60 -28.90
N LEU A 556 -14.40 -32.35 -28.96
CA LEU A 556 -14.94 -31.01 -28.74
C LEU A 556 -16.00 -31.05 -27.64
N LEU A 557 -15.97 -30.03 -26.79
CA LEU A 557 -16.95 -29.90 -25.71
C LEU A 557 -17.66 -28.57 -25.90
N PHE A 558 -18.89 -28.63 -26.39
CA PHE A 558 -19.70 -27.42 -26.53
C PHE A 558 -20.31 -27.08 -25.17
N VAL A 559 -19.88 -25.97 -24.60
CA VAL A 559 -20.29 -25.56 -23.27
C VAL A 559 -21.21 -24.36 -23.39
N GLU A 560 -22.44 -24.50 -22.91
CA GLU A 560 -23.41 -23.41 -22.93
C GLU A 560 -24.11 -23.36 -21.57
N LYS A 561 -24.02 -22.20 -20.92
CA LYS A 561 -24.71 -21.94 -19.66
C LYS A 561 -24.33 -22.98 -18.59
N GLY A 562 -23.06 -23.37 -18.57
CA GLY A 562 -22.61 -24.35 -17.59
C GLY A 562 -23.06 -25.77 -17.86
N GLU A 563 -23.63 -26.04 -19.03
CA GLU A 563 -24.03 -27.39 -19.40
C GLU A 563 -23.33 -27.79 -20.69
N ILE A 564 -22.80 -29.00 -20.73
CA ILE A 564 -22.16 -29.51 -21.94
C ILE A 564 -23.26 -30.00 -22.87
N THR A 565 -23.59 -29.19 -23.89
CA THR A 565 -24.69 -29.53 -24.77
C THR A 565 -24.30 -30.55 -25.82
N GLY A 566 -23.12 -30.42 -26.40
CA GLY A 566 -22.68 -31.35 -27.43
C GLY A 566 -21.23 -31.75 -27.28
N ARG A 567 -20.95 -33.04 -27.34
CA ARG A 567 -19.59 -33.55 -27.19
C ARG A 567 -19.31 -34.53 -28.32
N GLY A 568 -18.18 -34.35 -28.98
CA GLY A 568 -17.80 -35.25 -30.05
C GLY A 568 -16.77 -34.60 -30.96
N THR A 569 -16.35 -35.34 -31.96
CA THR A 569 -15.45 -34.81 -32.96
C THR A 569 -16.11 -33.66 -33.71
N HIS A 570 -15.29 -32.88 -34.42
CA HIS A 570 -15.81 -31.69 -35.08
C HIS A 570 -16.83 -32.04 -36.16
N HIS A 571 -16.52 -33.01 -37.00
CA HIS A 571 -17.42 -33.36 -38.10
C HIS A 571 -18.75 -33.87 -37.58
N GLU A 572 -18.71 -34.91 -36.73
CA GLU A 572 -19.95 -35.48 -36.22
C GLU A 572 -20.74 -34.49 -35.37
N LEU A 573 -20.06 -33.65 -34.59
CA LEU A 573 -20.79 -32.67 -33.78
C LEU A 573 -21.45 -31.62 -34.66
N MET A 574 -20.71 -31.05 -35.60
CA MET A 574 -21.28 -30.06 -36.50
C MET A 574 -22.40 -30.64 -37.36
N ALA A 575 -22.35 -31.94 -37.66
CA ALA A 575 -23.44 -32.55 -38.41
C ALA A 575 -24.61 -32.91 -37.50
N SER A 576 -24.37 -33.05 -36.20
CA SER A 576 -25.40 -33.45 -35.25
C SER A 576 -25.90 -32.33 -34.37
N HIS A 577 -25.13 -31.24 -34.24
CA HIS A 577 -25.50 -30.12 -33.37
C HIS A 577 -25.89 -28.94 -34.23
N GLY A 578 -27.15 -28.52 -34.12
CA GLY A 578 -27.61 -27.40 -34.92
C GLY A 578 -26.91 -26.10 -34.60
N LEU A 579 -26.73 -25.82 -33.31
CA LEU A 579 -26.16 -24.54 -32.90
C LEU A 579 -24.74 -24.38 -33.42
N TYR A 580 -23.86 -25.34 -33.11
CA TYR A 580 -22.45 -25.23 -33.45
C TYR A 580 -22.24 -25.01 -34.94
N ARG A 581 -23.09 -25.63 -35.78
CA ARG A 581 -23.02 -25.40 -37.21
C ARG A 581 -23.13 -23.92 -37.55
N ASP A 582 -24.17 -23.25 -37.04
CA ASP A 582 -24.24 -21.80 -37.17
C ASP A 582 -23.01 -21.16 -36.54
N PHE A 583 -22.61 -21.65 -35.37
CA PHE A 583 -21.42 -21.16 -34.70
C PHE A 583 -20.19 -21.27 -35.59
N ALA A 584 -20.17 -22.28 -36.46
CA ALA A 584 -19.12 -22.38 -37.47
C ALA A 584 -19.49 -21.60 -38.72
N GLU A 585 -20.75 -21.71 -39.15
CA GLU A 585 -21.13 -21.24 -40.48
C GLU A 585 -20.90 -19.74 -40.63
N GLN A 586 -21.44 -18.94 -39.70
CA GLN A 586 -21.15 -17.51 -39.67
C GLN A 586 -19.65 -17.26 -39.74
N GLN A 587 -18.87 -17.99 -38.93
CA GLN A 587 -17.42 -17.94 -39.02
C GLN A 587 -16.95 -18.10 -40.46
N LEU A 588 -17.33 -19.22 -41.09
CA LEU A 588 -17.02 -19.46 -42.50
C LEU A 588 -17.42 -18.27 -43.35
N LYS A 589 -18.63 -17.74 -43.12
CA LYS A 589 -19.16 -16.64 -43.92
C LYS A 589 -18.19 -15.49 -43.99
N MET A 590 -17.66 -15.05 -42.83
CA MET A 590 -16.73 -13.93 -42.84
C MET A 590 -15.50 -14.25 -43.67
N ASN A 591 -14.89 -15.40 -43.46
CA ASN A 591 -13.72 -15.73 -44.26
C ASN A 591 -14.16 -16.11 -45.67
N ALA A 592 -15.34 -16.71 -45.78
CA ALA A 592 -15.87 -17.00 -47.12
C ALA A 592 -16.23 -15.71 -47.83
N ASP A 593 -16.41 -14.64 -47.07
CA ASP A 593 -16.62 -13.31 -47.63
C ASP A 593 -15.32 -12.58 -47.91
N LEU A 594 -14.20 -13.07 -47.35
CA LEU A 594 -12.94 -12.33 -47.43
C LEU A 594 -12.51 -12.11 -48.88
N GLU A 595 -12.59 -13.16 -49.70
CA GLU A 595 -12.26 -12.99 -51.11
C GLU A 595 -13.42 -12.37 -51.88
N ASN A 596 -14.65 -12.55 -51.38
CA ASN A 596 -15.82 -12.09 -52.13
C ASN A 596 -17.03 -11.90 -51.23
N LYS B 19 18.81 22.24 -2.41
CA LYS B 19 19.74 22.11 -1.30
C LYS B 19 19.19 22.86 -0.09
N SER B 20 19.87 22.73 1.05
CA SER B 20 19.37 23.29 2.30
C SER B 20 18.00 22.72 2.66
N LYS B 21 17.94 21.41 2.94
CA LYS B 21 16.73 20.62 3.07
C LYS B 21 15.63 21.29 3.90
N LEU B 22 15.99 22.03 4.94
CA LEU B 22 14.99 22.67 5.78
C LEU B 22 14.10 23.62 4.98
N LYS B 23 14.68 24.35 4.04
CA LYS B 23 13.88 25.26 3.22
C LYS B 23 12.81 24.53 2.42
N PRO B 24 13.14 23.53 1.61
CA PRO B 24 12.07 22.83 0.87
C PRO B 24 11.11 22.11 1.78
N PHE B 25 11.55 21.56 2.91
CA PHE B 25 10.61 20.89 3.79
C PHE B 25 9.59 21.87 4.37
N PHE B 26 10.06 23.01 4.86
CA PHE B 26 9.12 23.98 5.41
C PHE B 26 8.24 24.58 4.32
N ALA B 27 8.75 24.70 3.09
CA ALA B 27 7.88 25.13 2.01
C ALA B 27 6.79 24.12 1.74
N LEU B 28 7.14 22.83 1.75
CA LEU B 28 6.15 21.79 1.53
C LEU B 28 5.10 21.78 2.64
N VAL B 29 5.51 22.10 3.86
CA VAL B 29 4.52 22.20 4.94
C VAL B 29 3.68 23.46 4.78
N ARG B 30 4.28 24.56 4.36
CA ARG B 30 3.55 25.82 4.26
C ARG B 30 2.62 25.85 3.05
N ARG B 31 2.72 24.85 2.17
CA ARG B 31 1.73 24.73 1.10
C ARG B 31 0.51 23.95 1.58
N THR B 32 0.30 23.90 2.90
CA THR B 32 -0.84 23.23 3.53
C THR B 32 -1.50 24.24 4.47
N ASN B 33 -1.83 25.39 3.89
CA ASN B 33 -2.07 26.64 4.63
C ASN B 33 -2.84 26.51 5.93
N PRO B 34 -4.07 25.96 5.96
CA PRO B 34 -4.94 26.14 7.15
C PRO B 34 -4.42 25.55 8.45
N SER B 35 -3.25 24.90 8.42
CA SER B 35 -2.56 24.56 9.65
C SER B 35 -2.08 25.81 10.37
N TYR B 36 -1.90 26.91 9.62
CA TYR B 36 -1.09 28.03 10.09
C TYR B 36 -1.78 28.80 11.22
N GLY B 37 -3.11 28.69 11.32
CA GLY B 37 -3.85 29.61 12.18
C GLY B 37 -3.80 29.23 13.66
N LYS B 38 -4.42 28.10 14.02
CA LYS B 38 -4.59 27.77 15.43
C LYS B 38 -3.30 27.35 16.10
N LEU B 39 -2.25 27.10 15.33
CA LEU B 39 -0.99 26.69 15.93
C LEU B 39 -0.41 27.79 16.81
N ALA B 40 -0.73 29.05 16.51
CA ALA B 40 -0.28 30.15 17.36
C ALA B 40 -0.94 30.07 18.73
N PHE B 41 -2.26 29.83 18.76
CA PHE B 41 -2.95 29.62 20.02
C PHE B 41 -2.35 28.43 20.77
N ALA B 42 -2.06 27.36 20.05
CA ALA B 42 -1.42 26.19 20.67
C ALA B 42 -0.10 26.59 21.31
N LEU B 43 0.72 27.33 20.58
CA LEU B 43 2.03 27.73 21.08
C LEU B 43 1.91 28.63 22.30
N ALA B 44 0.93 29.53 22.30
CA ALA B 44 0.74 30.42 23.45
C ALA B 44 0.32 29.63 24.67
N LEU B 45 -0.63 28.71 24.51
CA LEU B 45 -1.03 27.87 25.64
C LEU B 45 0.15 27.05 26.17
N SER B 46 0.97 26.52 25.26
CA SER B 46 2.12 25.74 25.69
C SER B 46 3.15 26.57 26.43
N VAL B 47 3.40 27.80 25.96
CA VAL B 47 4.39 28.65 26.63
C VAL B 47 3.89 29.08 28.00
N VAL B 48 2.59 29.37 28.11
CA VAL B 48 2.05 29.72 29.42
C VAL B 48 2.09 28.53 30.37
N THR B 49 1.81 27.33 29.86
CA THR B 49 1.92 26.15 30.71
C THR B 49 3.37 25.91 31.14
N THR B 50 4.32 26.17 30.24
CA THR B 50 5.72 26.07 30.63
C THR B 50 6.06 27.09 31.71
N LEU B 51 5.52 28.30 31.59
CA LEU B 51 5.77 29.31 32.61
C LEU B 51 5.20 28.88 33.96
N VAL B 52 3.98 28.35 33.99
CA VAL B 52 3.41 27.92 35.27
C VAL B 52 4.18 26.73 35.82
N SER B 53 4.70 25.86 34.94
CA SER B 53 5.57 24.78 35.40
C SER B 53 6.83 25.31 36.05
N LEU B 54 7.45 26.33 35.47
CA LEU B 54 8.62 26.96 36.09
C LEU B 54 8.25 27.70 37.36
N LEU B 55 6.99 28.10 37.50
CA LEU B 55 6.56 28.87 38.66
C LEU B 55 6.23 28.00 39.86
N ILE B 56 5.72 26.78 39.63
CA ILE B 56 5.10 26.02 40.73
C ILE B 56 5.96 25.83 41.96
N PRO B 57 7.25 25.47 41.88
CA PRO B 57 8.00 25.24 43.13
C PRO B 57 8.25 26.51 43.92
N LEU B 58 8.58 27.60 43.22
CA LEU B 58 8.87 28.88 43.85
C LEU B 58 7.69 29.35 44.70
N LEU B 59 6.47 29.04 44.26
CA LEU B 59 5.31 29.30 45.09
C LEU B 59 5.13 28.23 46.16
N THR B 60 5.28 26.95 45.82
CA THR B 60 4.76 25.87 46.67
C THR B 60 5.49 25.79 48.00
N LYS B 61 6.80 26.05 48.02
CA LYS B 61 7.54 25.89 49.28
C LYS B 61 7.03 26.87 50.35
N GLN B 62 7.15 28.17 50.10
CA GLN B 62 6.63 29.14 51.05
C GLN B 62 5.10 29.14 51.06
N LEU B 63 4.46 28.45 50.11
CA LEU B 63 3.02 28.28 50.18
C LEU B 63 2.63 27.26 51.23
N VAL B 64 3.54 26.32 51.50
CA VAL B 64 3.30 25.33 52.59
C VAL B 64 3.35 26.09 53.92
N ASP B 65 4.44 26.80 54.17
CA ASP B 65 4.58 27.59 55.43
C ASP B 65 3.51 28.70 55.44
N GLY B 66 3.27 29.36 54.31
CA GLY B 66 2.25 30.42 54.23
C GLY B 66 0.87 29.86 54.50
N PHE B 67 0.55 28.70 53.94
CA PHE B 67 -0.75 28.03 54.24
C PHE B 67 -0.58 27.07 55.40
N SER B 68 -0.16 27.57 56.56
CA SER B 68 -0.01 26.71 57.77
C SER B 68 -1.41 26.27 58.23
N MET B 69 -2.38 27.18 58.14
CA MET B 69 -3.79 26.82 58.50
C MET B 69 -4.44 26.19 57.27
N SER B 70 -4.16 24.91 57.01
CA SER B 70 -4.69 24.24 55.79
C SER B 70 -6.22 24.23 55.81
N ASN B 71 -6.81 24.02 56.99
CA ASN B 71 -8.29 24.04 57.12
C ASN B 71 -8.84 25.34 56.52
N LEU B 72 -8.44 26.50 57.07
CA LEU B 72 -9.00 27.77 56.61
C LEU B 72 -8.54 28.09 55.19
N SER B 73 -7.32 27.67 54.83
CA SER B 73 -6.81 27.95 53.49
C SER B 73 -7.56 27.15 52.43
N GLY B 74 -7.95 25.92 52.75
CA GLY B 74 -8.60 25.08 51.76
C GLY B 74 -10.06 25.41 51.56
N THR B 75 -10.70 26.00 52.57
CA THR B 75 -12.14 26.27 52.49
C THR B 75 -12.45 27.30 51.41
N GLN B 76 -11.93 28.52 51.54
CA GLN B 76 -12.23 29.58 50.60
C GLN B 76 -11.20 29.66 49.49
N ILE B 77 -9.92 29.87 49.84
CA ILE B 77 -8.86 29.95 48.84
C ILE B 77 -8.45 28.57 48.35
N GLY B 78 -8.81 27.50 49.07
CA GLY B 78 -8.40 26.16 48.66
C GLY B 78 -8.95 25.77 47.30
N LEU B 79 -10.10 26.35 46.91
CA LEU B 79 -10.64 26.06 45.60
C LEU B 79 -9.67 26.49 44.50
N ILE B 80 -8.89 27.54 44.74
CA ILE B 80 -7.83 27.93 43.82
C ILE B 80 -6.88 26.76 43.59
N ALA B 81 -6.46 26.10 44.67
CA ALA B 81 -5.57 24.95 44.57
C ALA B 81 -6.21 23.81 43.77
N LEU B 82 -7.54 23.82 43.66
CA LEU B 82 -8.22 22.92 42.73
C LEU B 82 -8.25 23.49 41.31
N VAL B 83 -8.65 24.75 41.17
CA VAL B 83 -8.91 25.30 39.84
C VAL B 83 -7.66 25.34 38.98
N PHE B 84 -6.52 25.74 39.55
CA PHE B 84 -5.27 25.73 38.80
C PHE B 84 -4.98 24.33 38.24
N PHE B 85 -5.36 23.29 38.97
CA PHE B 85 -5.16 21.93 38.47
C PHE B 85 -5.97 21.68 37.21
N VAL B 86 -7.23 22.14 37.17
CA VAL B 86 -7.96 21.95 35.93
C VAL B 86 -7.47 22.95 34.88
N GLN B 87 -6.78 24.00 35.31
CA GLN B 87 -6.03 24.81 34.35
C GLN B 87 -4.87 24.00 33.77
N ALA B 88 -4.26 23.15 34.60
CA ALA B 88 -3.39 22.12 34.04
C ALA B 88 -4.15 21.26 33.06
N GLY B 89 -5.43 20.99 33.33
CA GLY B 89 -6.28 20.34 32.35
C GLY B 89 -6.33 21.08 31.03
N LEU B 90 -6.40 22.41 31.08
CA LEU B 90 -6.38 23.21 29.86
C LEU B 90 -4.98 23.39 29.29
N SER B 91 -4.00 22.61 29.74
CA SER B 91 -2.80 22.39 28.95
C SER B 91 -3.02 21.22 28.00
N ALA B 92 -3.82 20.24 28.42
CA ALA B 92 -4.14 19.10 27.57
C ALA B 92 -4.72 19.55 26.24
N TYR B 93 -5.55 20.60 26.28
CA TYR B 93 -6.08 21.21 25.06
C TYR B 93 -4.98 21.48 24.05
N ALA B 94 -3.88 22.10 24.50
CA ALA B 94 -2.77 22.39 23.60
C ALA B 94 -2.32 21.13 22.88
N THR B 95 -2.16 20.03 23.62
CA THR B 95 -1.84 18.76 22.99
C THR B 95 -2.81 18.43 21.88
N TYR B 96 -4.12 18.37 22.21
CA TYR B 96 -5.12 18.11 21.18
C TYR B 96 -5.01 19.09 20.05
N ALA B 97 -4.79 20.37 20.38
CA ALA B 97 -4.61 21.39 19.36
C ALA B 97 -3.54 20.97 18.37
N LEU B 98 -2.34 20.67 18.88
CA LEU B 98 -1.26 20.18 18.03
C LEU B 98 -1.72 19.02 17.18
N ASN B 99 -2.31 18.00 17.82
CA ASN B 99 -2.71 16.81 17.09
C ASN B 99 -3.67 17.16 15.97
N TYR B 100 -4.66 18.00 16.28
CA TYR B 100 -5.59 18.41 15.23
C TYR B 100 -4.84 19.08 14.11
N ASN B 101 -4.08 20.12 14.45
CA ASN B 101 -3.27 20.79 13.45
C ASN B 101 -2.30 19.81 12.81
N GLY B 102 -1.70 18.95 13.64
CA GLY B 102 -0.80 17.94 13.10
C GLY B 102 -1.48 17.10 12.03
N GLN B 103 -2.68 16.58 12.35
CA GLN B 103 -3.38 15.77 11.38
C GLN B 103 -3.63 16.55 10.11
N LYS B 104 -4.05 17.82 10.25
CA LYS B 104 -4.37 18.60 9.06
C LYS B 104 -3.17 18.69 8.13
N ILE B 105 -1.98 18.86 8.70
CA ILE B 105 -0.79 18.97 7.86
C ILE B 105 -0.63 17.71 7.02
N ILE B 106 -0.66 16.54 7.67
CA ILE B 106 -0.44 15.34 6.87
C ILE B 106 -1.61 15.14 5.91
N SER B 107 -2.82 15.45 6.35
CA SER B 107 -3.94 15.37 5.43
C SER B 107 -3.76 16.32 4.27
N GLY B 108 -3.30 17.54 4.55
CA GLY B 108 -2.99 18.46 3.48
C GLY B 108 -1.99 17.85 2.51
N LEU B 109 -0.94 17.23 3.04
CA LEU B 109 0.07 16.64 2.18
C LEU B 109 -0.55 15.62 1.24
N ARG B 110 -1.39 14.74 1.77
CA ARG B 110 -1.96 13.70 0.93
C ARG B 110 -2.77 14.31 -0.21
N GLU B 111 -3.56 15.35 0.07
CA GLU B 111 -4.31 15.98 -1.01
C GLU B 111 -3.38 16.50 -2.08
N LEU B 112 -2.27 17.14 -1.69
CA LEU B 112 -1.29 17.61 -2.67
C LEU B 112 -0.83 16.46 -3.56
N LEU B 113 -0.35 15.37 -2.97
CA LEU B 113 0.11 14.27 -3.80
C LEU B 113 -1.02 13.68 -4.61
N TRP B 114 -2.22 13.57 -4.03
CA TRP B 114 -3.27 12.98 -4.83
C TRP B 114 -3.81 13.95 -5.86
N LYS B 115 -3.42 15.23 -5.79
CA LYS B 115 -3.74 16.12 -6.89
C LYS B 115 -2.60 16.20 -7.89
N LYS B 116 -1.48 15.57 -7.59
CA LYS B 116 -0.36 15.56 -8.52
C LYS B 116 -0.20 14.22 -9.21
N LEU B 117 -0.32 13.11 -8.48
CA LEU B 117 -0.12 11.79 -9.08
C LEU B 117 -1.04 11.54 -10.26
N ILE B 118 -2.29 11.96 -10.21
CA ILE B 118 -3.20 11.64 -11.29
C ILE B 118 -3.20 12.78 -12.32
N LYS B 119 -2.22 13.67 -12.23
CA LYS B 119 -2.07 14.68 -13.25
C LYS B 119 -0.73 14.60 -13.98
N LEU B 120 0.19 13.77 -13.51
CA LEU B 120 1.45 13.58 -14.22
C LEU B 120 1.20 12.84 -15.53
N PRO B 121 1.89 13.23 -16.59
CA PRO B 121 1.71 12.53 -17.88
C PRO B 121 2.12 11.08 -17.75
N VAL B 122 1.55 10.24 -18.62
CA VAL B 122 1.64 8.79 -18.45
C VAL B 122 3.07 8.30 -18.56
N SER B 123 3.94 9.09 -19.21
CA SER B 123 5.33 8.67 -19.35
C SER B 123 6.00 8.50 -17.99
N TYR B 124 5.65 9.35 -17.03
CA TYR B 124 6.20 9.18 -15.69
C TYR B 124 5.80 7.85 -15.09
N PHE B 125 4.59 7.37 -15.41
CA PHE B 125 4.16 6.09 -14.87
C PHE B 125 4.73 4.91 -15.63
N ASP B 126 5.03 5.05 -16.92
CA ASP B 126 5.83 4.03 -17.57
C ASP B 126 7.23 3.95 -16.97
N THR B 127 7.73 5.08 -16.47
CA THR B 127 9.10 5.09 -15.99
C THR B 127 9.23 4.64 -14.54
N ASN B 128 8.25 4.94 -13.68
CA ASN B 128 8.51 4.89 -12.23
C ASN B 128 7.39 3.87 -12.39
N ALA B 129 7.51 2.70 -11.73
CA ALA B 129 6.37 1.87 -11.34
C ALA B 129 5.42 2.27 -10.21
N SER B 130 4.18 2.60 -10.58
CA SER B 130 3.20 3.32 -9.77
C SER B 130 2.80 2.56 -8.51
N GLY B 131 3.25 1.31 -8.37
CA GLY B 131 2.90 0.51 -7.19
C GLY B 131 3.60 1.23 -6.05
N GLU B 132 4.83 1.70 -6.26
CA GLU B 132 5.63 2.24 -5.16
C GLU B 132 5.16 3.64 -4.78
N THR B 133 4.78 4.45 -5.76
CA THR B 133 4.29 5.79 -5.46
C THR B 133 3.02 5.76 -4.61
N VAL B 134 2.24 4.69 -4.70
CA VAL B 134 1.08 4.57 -3.83
C VAL B 134 1.52 4.49 -2.37
N SER B 135 2.61 3.78 -2.09
CA SER B 135 3.13 3.73 -0.73
C SER B 135 3.78 5.05 -0.36
N ARG B 136 4.31 5.77 -1.35
CA ARG B 136 4.83 7.11 -1.09
C ARG B 136 3.72 8.02 -0.57
N VAL B 137 2.51 7.88 -1.10
CA VAL B 137 1.40 8.70 -0.61
C VAL B 137 0.91 8.20 0.74
N THR B 138 0.78 6.88 0.90
CA THR B 138 0.09 6.35 2.08
C THR B 138 0.98 6.11 3.28
N ASN B 139 2.24 5.76 3.08
CA ASN B 139 3.11 5.34 4.18
C ASN B 139 4.23 6.32 4.48
N ASP B 140 4.37 7.38 3.70
CA ASP B 140 5.41 8.36 3.98
C ASP B 140 4.91 9.44 4.94
N THR B 141 3.76 10.07 4.61
CA THR B 141 3.27 11.16 5.44
C THR B 141 2.93 10.70 6.85
N MET B 142 2.59 9.43 7.02
CA MET B 142 2.43 8.87 8.36
C MET B 142 3.73 8.89 9.16
N VAL B 143 4.87 9.10 8.51
CA VAL B 143 6.12 9.35 9.22
C VAL B 143 6.24 10.82 9.60
N VAL B 144 5.64 11.73 8.83
CA VAL B 144 5.66 13.14 9.16
C VAL B 144 4.74 13.42 10.34
N LYS B 145 3.83 12.49 10.62
CA LYS B 145 2.86 12.72 11.69
C LYS B 145 3.51 12.86 13.04
N GLU B 146 4.45 11.96 13.38
CA GLU B 146 5.01 11.92 14.73
C GLU B 146 5.76 13.19 15.09
N LEU B 147 6.60 13.70 14.19
CA LEU B 147 7.33 14.93 14.45
C LEU B 147 6.38 16.06 14.81
N ILE B 148 5.44 16.37 13.92
CA ILE B 148 4.52 17.48 14.13
C ILE B 148 3.65 17.26 15.35
N THR B 149 3.32 16.01 15.66
CA THR B 149 2.33 15.79 16.72
C THR B 149 2.96 15.94 18.11
N THR B 150 4.19 15.47 18.30
CA THR B 150 4.76 15.54 19.63
C THR B 150 6.02 16.38 19.71
N HIS B 151 6.97 16.17 18.81
CA HIS B 151 8.31 16.68 19.05
C HIS B 151 8.40 18.18 18.79
N ILE B 152 7.42 18.77 18.12
CA ILE B 152 7.41 20.22 18.03
C ILE B 152 7.08 20.84 19.39
N SER B 153 6.10 20.28 20.09
CA SER B 153 5.83 20.71 21.46
C SER B 153 7.03 20.46 22.36
N GLY B 154 7.64 19.29 22.21
CA GLY B 154 8.86 18.99 22.95
C GLY B 154 9.94 20.03 22.73
N PHE B 155 10.20 20.37 21.47
CA PHE B 155 11.19 21.38 21.15
C PHE B 155 10.85 22.72 21.74
N ILE B 156 9.60 23.16 21.64
CA ILE B 156 9.28 24.50 22.11
C ILE B 156 9.40 24.60 23.62
N THR B 157 8.82 23.63 24.34
CA THR B 157 8.95 23.66 25.80
C THR B 157 10.40 23.53 26.23
N GLY B 158 11.16 22.64 25.58
CA GLY B 158 12.55 22.48 25.92
C GLY B 158 13.35 23.75 25.70
N ILE B 159 13.14 24.41 24.57
CA ILE B 159 13.92 25.61 24.25
C ILE B 159 13.57 26.72 25.22
N ILE B 160 12.29 26.85 25.57
CA ILE B 160 11.91 27.94 26.48
C ILE B 160 12.43 27.66 27.89
N SER B 161 12.35 26.41 28.33
CA SER B 161 12.88 26.06 29.65
C SER B 161 14.38 26.27 29.69
N VAL B 162 15.07 25.94 28.59
CA VAL B 162 16.52 26.09 28.56
C VAL B 162 16.90 27.56 28.61
N ILE B 163 16.18 28.40 27.87
CA ILE B 163 16.52 29.83 27.89
C ILE B 163 16.21 30.44 29.24
N GLY B 164 15.12 29.99 29.88
CA GLY B 164 14.81 30.47 31.22
C GLY B 164 15.89 30.10 32.23
N SER B 165 16.28 28.83 32.24
CA SER B 165 17.35 28.41 33.14
C SER B 165 18.66 29.10 32.80
N LEU B 166 18.89 29.39 31.52
CA LEU B 166 20.09 30.11 31.13
C LEU B 166 20.11 31.50 31.73
N THR B 167 18.99 32.23 31.65
CA THR B 167 18.92 33.55 32.27
C THR B 167 19.07 33.46 33.78
N ILE B 168 18.50 32.41 34.38
CA ILE B 168 18.64 32.21 35.81
C ILE B 168 20.11 32.08 36.19
N LEU B 169 20.82 31.14 35.58
CA LEU B 169 22.21 30.94 35.92
C LEU B 169 23.05 32.15 35.54
N PHE B 170 22.62 32.90 34.52
CA PHE B 170 23.32 34.12 34.14
C PHE B 170 23.23 35.17 35.25
N ILE B 171 22.05 35.33 35.85
CA ILE B 171 21.94 36.23 36.99
C ILE B 171 22.66 35.63 38.20
N MET B 172 22.90 34.32 38.20
CA MET B 172 23.77 33.73 39.22
C MET B 172 25.24 34.05 38.96
N ASN B 173 25.70 33.87 37.72
CA ASN B 173 27.12 33.98 37.42
C ASN B 173 27.31 34.62 36.05
N TRP B 174 28.45 35.30 35.87
CA TRP B 174 28.78 35.96 34.62
C TRP B 174 29.72 35.14 33.74
N LYS B 175 30.45 34.18 34.31
CA LYS B 175 31.44 33.41 33.57
C LYS B 175 31.02 31.98 33.31
N LEU B 176 30.46 31.30 34.30
CA LEU B 176 30.09 29.89 34.13
C LEU B 176 28.97 29.75 33.13
N THR B 177 28.09 30.75 33.03
CA THR B 177 27.06 30.73 32.00
C THR B 177 27.70 30.83 30.61
N LEU B 178 28.73 31.66 30.47
CA LEU B 178 29.48 31.67 29.21
C LEU B 178 30.10 30.32 28.94
N LEU B 179 30.61 29.66 29.98
CA LEU B 179 31.17 28.32 29.83
C LEU B 179 30.14 27.35 29.26
N VAL B 180 28.95 27.31 29.84
CA VAL B 180 27.94 26.36 29.36
C VAL B 180 27.44 26.75 27.97
N LEU B 181 27.34 28.06 27.71
CA LEU B 181 26.87 28.52 26.40
C LEU B 181 27.93 28.29 25.33
N VAL B 182 29.18 28.05 25.74
CA VAL B 182 30.19 27.62 24.78
C VAL B 182 30.17 26.10 24.63
N VAL B 183 29.87 25.39 25.72
CA VAL B 183 29.79 23.94 25.66
C VAL B 183 28.67 23.49 24.74
N VAL B 184 27.58 24.26 24.70
CA VAL B 184 26.44 23.88 23.85
C VAL B 184 26.82 23.77 22.38
N PRO B 185 27.53 24.73 21.78
CA PRO B 185 28.01 24.55 20.40
C PRO B 185 28.78 23.27 20.17
N LEU B 186 29.52 22.80 21.17
CA LEU B 186 30.17 21.51 21.04
C LEU B 186 29.15 20.39 20.86
N ALA B 187 28.03 20.47 21.59
CA ALA B 187 26.96 19.51 21.40
C ALA B 187 26.41 19.58 19.98
N ALA B 188 26.32 20.79 19.42
CA ALA B 188 25.84 20.93 18.05
C ALA B 188 26.76 20.20 17.07
N LEU B 189 28.06 20.43 17.17
CA LEU B 189 29.01 19.82 16.26
C LEU B 189 29.20 18.33 16.49
N ILE B 190 28.89 17.82 17.69
CA ILE B 190 28.94 16.39 17.94
C ILE B 190 27.62 15.70 17.60
N LEU B 191 26.55 16.46 17.43
CA LEU B 191 25.27 15.89 17.02
C LEU B 191 25.01 15.99 15.52
N VAL B 192 25.76 16.81 14.79
CA VAL B 192 25.56 16.93 13.34
C VAL B 192 25.72 15.58 12.64
N PRO B 193 26.80 14.81 12.84
CA PRO B 193 26.94 13.54 12.12
C PRO B 193 25.82 12.56 12.38
N ILE B 194 25.31 12.49 13.61
CA ILE B 194 24.13 11.68 13.88
C ILE B 194 22.92 12.21 13.14
N GLY B 195 22.82 13.51 12.96
CA GLY B 195 21.78 14.05 12.11
C GLY B 195 21.86 13.53 10.70
N ARG B 196 23.06 13.58 10.09
CA ARG B 196 23.19 13.10 8.73
C ARG B 196 22.89 11.61 8.64
N LYS B 197 23.33 10.83 9.64
CA LYS B 197 23.06 9.40 9.60
C LYS B 197 21.57 9.12 9.71
N MET B 198 20.86 9.88 10.56
CA MET B 198 19.43 9.71 10.66
C MET B 198 18.75 10.05 9.34
N PHE B 199 19.22 11.09 8.66
CA PHE B 199 18.66 11.44 7.37
C PHE B 199 18.82 10.30 6.37
N SER B 200 20.05 9.78 6.26
CA SER B 200 20.29 8.73 5.29
C SER B 200 19.50 7.45 5.61
N ILE B 201 19.45 7.06 6.88
CA ILE B 201 18.71 5.86 7.26
C ILE B 201 17.23 6.03 7.02
N SER B 202 16.67 7.21 7.30
CA SER B 202 15.26 7.41 7.05
C SER B 202 14.95 7.37 5.57
N ARG B 203 15.82 7.93 4.73
CA ARG B 203 15.56 7.86 3.30
C ARG B 203 15.57 6.42 2.80
N GLU B 204 16.58 5.64 3.20
CA GLU B 204 16.63 4.26 2.74
C GLU B 204 15.46 3.43 3.28
N THR B 205 15.04 3.68 4.52
CA THR B 205 13.92 2.91 5.06
C THR B 205 12.62 3.26 4.34
N GLN B 206 12.39 4.54 4.05
CA GLN B 206 11.19 4.88 3.31
C GLN B 206 11.21 4.32 1.90
N ASP B 207 12.36 4.37 1.23
CA ASP B 207 12.48 3.72 -0.06
C ASP B 207 12.22 2.22 0.02
N GLU B 208 12.68 1.57 1.09
CA GLU B 208 12.51 0.13 1.18
C GLU B 208 11.06 -0.24 1.45
N THR B 209 10.38 0.53 2.30
CA THR B 209 8.95 0.26 2.52
C THR B 209 8.16 0.50 1.25
N ALA B 210 8.50 1.53 0.49
CA ALA B 210 7.82 1.75 -0.79
C ALA B 210 8.02 0.58 -1.73
N ARG B 211 9.27 0.12 -1.88
CA ARG B 211 9.53 -0.98 -2.80
C ARG B 211 8.90 -2.28 -2.31
N PHE B 212 8.86 -2.49 -1.00
CA PHE B 212 8.21 -3.67 -0.46
C PHE B 212 6.71 -3.66 -0.76
N THR B 213 6.03 -2.54 -0.50
CA THR B 213 4.62 -2.48 -0.82
C THR B 213 4.38 -2.63 -2.32
N GLY B 214 5.29 -2.13 -3.14
CA GLY B 214 5.16 -2.34 -4.56
C GLY B 214 5.23 -3.80 -4.95
N LEU B 215 6.24 -4.50 -4.45
CA LEU B 215 6.36 -5.93 -4.71
C LEU B 215 5.12 -6.68 -4.24
N LEU B 216 4.61 -6.33 -3.07
CA LEU B 216 3.50 -7.10 -2.52
C LEU B 216 2.21 -6.82 -3.28
N ASN B 217 2.00 -5.57 -3.71
CA ASN B 217 0.83 -5.22 -4.50
C ASN B 217 0.92 -5.78 -5.92
N GLN B 218 2.12 -6.07 -6.39
CA GLN B 218 2.23 -6.68 -7.72
C GLN B 218 2.18 -8.20 -7.64
N ILE B 219 2.37 -8.75 -6.44
CA ILE B 219 2.25 -10.20 -6.28
C ILE B 219 0.82 -10.60 -6.00
N LEU B 220 0.18 -9.97 -5.01
CA LEU B 220 -1.09 -10.49 -4.51
C LEU B 220 -2.22 -10.53 -5.54
N PRO B 221 -2.51 -9.47 -6.29
CA PRO B 221 -3.60 -9.54 -7.27
C PRO B 221 -3.41 -10.61 -8.33
N GLU B 222 -2.20 -11.12 -8.53
CA GLU B 222 -1.92 -12.21 -9.46
C GLU B 222 -1.91 -13.56 -8.75
N ILE B 223 -2.73 -13.71 -7.71
CA ILE B 223 -2.67 -14.89 -6.86
C ILE B 223 -2.93 -16.18 -7.63
N ARG B 224 -3.71 -16.13 -8.70
CA ARG B 224 -3.92 -17.32 -9.50
C ARG B 224 -2.60 -17.80 -10.11
N LEU B 225 -1.80 -16.87 -10.61
CA LEU B 225 -0.51 -17.25 -11.18
C LEU B 225 0.41 -17.85 -10.14
N VAL B 226 0.39 -17.32 -8.92
CA VAL B 226 1.23 -17.88 -7.86
C VAL B 226 0.78 -19.29 -7.53
N LYS B 227 -0.52 -19.50 -7.35
CA LYS B 227 -0.98 -20.82 -6.97
C LYS B 227 -0.77 -21.83 -8.10
N ALA B 228 -0.84 -21.39 -9.35
CA ALA B 228 -0.82 -22.34 -10.46
C ALA B 228 0.60 -22.68 -10.87
N SER B 229 1.53 -21.73 -10.76
CA SER B 229 2.92 -22.00 -11.06
C SER B 229 3.61 -22.72 -9.91
N ASN B 230 2.89 -22.91 -8.81
CA ASN B 230 3.39 -23.61 -7.64
C ASN B 230 4.50 -22.84 -6.94
N ALA B 231 4.56 -21.55 -7.18
CA ALA B 231 5.63 -20.71 -6.64
C ALA B 231 5.26 -20.08 -5.31
N GLU B 232 4.43 -20.75 -4.52
CA GLU B 232 4.14 -20.25 -3.18
C GLU B 232 5.41 -20.09 -2.36
N ASP B 233 6.35 -21.04 -2.48
CA ASP B 233 7.55 -21.01 -1.65
C ASP B 233 8.53 -19.96 -2.13
N VAL B 234 8.77 -19.88 -3.44
CA VAL B 234 9.68 -18.86 -3.96
C VAL B 234 9.15 -17.47 -3.65
N GLU B 235 7.84 -17.27 -3.76
CA GLU B 235 7.30 -15.95 -3.48
C GLU B 235 7.27 -15.63 -2.00
N TYR B 236 7.03 -16.62 -1.14
CA TYR B 236 7.20 -16.37 0.28
C TYR B 236 8.64 -15.99 0.58
N GLY B 237 9.61 -16.62 -0.09
CA GLY B 237 10.99 -16.24 0.11
C GLY B 237 11.30 -14.84 -0.35
N ARG B 238 10.80 -14.45 -1.52
CA ARG B 238 11.06 -13.12 -2.04
C ARG B 238 10.27 -12.05 -1.31
N GLY B 239 9.28 -12.47 -0.52
CA GLY B 239 8.61 -11.52 0.35
C GLY B 239 9.25 -11.45 1.73
N LYS B 240 9.92 -12.52 2.12
CA LYS B 240 10.67 -12.48 3.37
C LYS B 240 11.96 -11.68 3.23
N MET B 241 12.62 -11.79 2.08
CA MET B 241 13.84 -11.02 1.89
C MET B 241 13.55 -9.52 1.81
N GLY B 242 12.30 -9.16 1.52
CA GLY B 242 11.92 -7.76 1.55
C GLY B 242 11.67 -7.25 2.95
N ILE B 243 11.12 -8.11 3.82
CA ILE B 243 10.91 -7.72 5.21
C ILE B 243 12.23 -7.58 5.93
N SER B 244 13.18 -8.47 5.65
CA SER B 244 14.45 -8.44 6.36
C SER B 244 15.24 -7.17 6.03
N SER B 245 14.99 -6.58 4.86
CA SER B 245 15.65 -5.31 4.54
C SER B 245 14.92 -4.12 5.14
N LEU B 246 13.73 -4.33 5.69
CA LEU B 246 13.14 -3.35 6.59
C LEU B 246 13.72 -3.51 7.99
N PHE B 247 13.73 -4.75 8.49
CA PHE B 247 14.21 -5.03 9.84
C PHE B 247 15.59 -4.45 10.10
N LYS B 248 16.54 -4.71 9.22
CA LYS B 248 17.86 -4.09 9.36
C LYS B 248 17.74 -2.58 9.31
N LEU B 249 17.06 -2.05 8.29
CA LEU B 249 16.86 -0.61 8.23
C LEU B 249 15.94 -0.09 9.32
N GLY B 250 15.33 -0.97 10.11
CA GLY B 250 14.50 -0.54 11.21
C GLY B 250 15.20 -0.76 12.52
N VAL B 251 16.37 -1.42 12.49
CA VAL B 251 17.16 -1.55 13.72
C VAL B 251 18.40 -0.68 13.68
N ARG B 252 19.04 -0.56 12.51
CA ARG B 252 20.20 0.33 12.38
C ARG B 252 19.85 1.75 12.75
N GLU B 253 18.70 2.25 12.28
CA GLU B 253 18.23 3.56 12.71
C GLU B 253 18.13 3.63 14.23
N ALA B 254 17.53 2.61 14.85
CA ALA B 254 17.49 2.59 16.31
C ALA B 254 18.90 2.60 16.89
N LYS B 255 19.81 1.86 16.28
CA LYS B 255 21.18 1.82 16.76
C LYS B 255 21.88 3.16 16.60
N VAL B 256 21.33 4.07 15.81
CA VAL B 256 21.87 5.42 15.78
C VAL B 256 21.22 6.30 16.83
N GLN B 257 19.91 6.10 17.07
CA GLN B 257 19.23 6.96 18.04
C GLN B 257 19.81 6.77 19.44
N SER B 258 20.23 5.55 19.77
CA SER B 258 20.88 5.29 21.04
C SER B 258 22.14 6.13 21.23
N LEU B 259 22.77 6.60 20.16
CA LEU B 259 23.95 7.45 20.29
C LEU B 259 23.61 8.90 20.56
N VAL B 260 22.36 9.21 20.91
CA VAL B 260 22.04 10.55 21.38
C VAL B 260 22.03 10.59 22.91
N GLY B 261 21.82 9.44 23.54
CA GLY B 261 21.76 9.37 24.97
C GLY B 261 23.07 9.73 25.65
N PRO B 262 24.10 8.91 25.43
CA PRO B 262 25.37 9.18 26.09
C PRO B 262 26.03 10.47 25.64
N LEU B 263 26.10 10.72 24.33
CA LEU B 263 26.87 11.85 23.79
C LEU B 263 26.43 13.16 24.42
N ILE B 264 25.13 13.42 24.45
CA ILE B 264 24.62 14.63 25.11
C ILE B 264 25.10 14.69 26.55
N SER B 265 24.89 13.62 27.31
CA SER B 265 25.41 13.57 28.67
C SER B 265 26.92 13.77 28.67
N LEU B 266 27.61 13.12 27.73
CA LEU B 266 29.06 13.32 27.60
C LEU B 266 29.39 14.79 27.47
N VAL B 267 28.64 15.52 26.63
CA VAL B 267 28.87 16.95 26.50
C VAL B 267 28.73 17.64 27.84
N LEU B 268 27.64 17.35 28.56
CA LEU B 268 27.47 17.93 29.90
C LEU B 268 28.64 17.56 30.80
N MET B 269 29.16 16.33 30.64
CA MET B 269 30.35 15.93 31.38
C MET B 269 31.47 16.95 31.19
N ALA B 270 31.80 17.26 29.94
CA ALA B 270 32.80 18.29 29.68
C ALA B 270 32.40 19.61 30.33
N ALA B 271 31.13 20.00 30.16
CA ALA B 271 30.65 21.22 30.78
C ALA B 271 30.85 21.18 32.29
N LEU B 272 30.61 20.02 32.90
CA LEU B 272 30.88 19.87 34.32
C LEU B 272 32.34 20.18 34.62
N VAL B 273 33.26 19.53 33.88
CA VAL B 273 34.67 19.85 34.03
C VAL B 273 34.89 21.33 33.78
N ALA B 274 34.19 21.89 32.80
CA ALA B 274 34.27 23.33 32.56
C ALA B 274 33.86 24.10 33.81
N VAL B 275 32.68 23.80 34.36
CA VAL B 275 32.24 24.52 35.55
C VAL B 275 33.09 24.13 36.75
N ILE B 276 33.81 23.02 36.65
CA ILE B 276 34.79 22.73 37.69
C ILE B 276 36.10 23.44 37.37
N GLY B 277 36.50 23.44 36.09
CA GLY B 277 37.79 24.02 35.72
C GLY B 277 37.87 25.50 36.05
N TYR B 278 36.99 26.29 35.44
CA TYR B 278 36.87 27.69 35.86
C TYR B 278 36.44 27.77 37.32
N GLY B 279 35.68 26.78 37.79
CA GLY B 279 35.35 26.72 39.20
C GLY B 279 36.60 26.65 40.06
N GLY B 280 37.61 25.90 39.62
CA GLY B 280 38.90 25.94 40.29
C GLY B 280 39.68 27.18 39.96
N MET B 281 39.47 27.74 38.76
CA MET B 281 40.17 28.96 38.38
C MET B 281 39.65 30.15 39.16
N GLN B 282 38.33 30.21 39.36
CA GLN B 282 37.70 31.31 40.07
C GLN B 282 37.51 31.02 41.55
N VAL B 283 37.89 29.81 42.01
CA VAL B 283 37.60 29.36 43.37
C VAL B 283 38.11 30.30 44.47
N SER B 284 39.04 31.19 44.15
CA SER B 284 39.48 32.19 45.13
C SER B 284 38.41 33.26 45.34
N SER B 285 38.06 34.00 44.29
CA SER B 285 37.04 35.03 44.42
C SER B 285 35.65 34.42 44.41
N GLY B 286 35.26 33.75 43.34
CA GLY B 286 34.08 32.92 43.37
C GLY B 286 34.22 31.74 44.31
N GLU B 287 33.11 31.04 44.55
CA GLU B 287 33.04 29.90 45.47
C GLU B 287 33.06 30.36 46.93
N LEU B 288 33.30 31.65 47.18
CA LEU B 288 33.05 32.19 48.50
C LEU B 288 31.61 31.98 48.91
N THR B 289 30.69 32.13 47.95
CA THR B 289 29.32 31.64 48.10
C THR B 289 29.19 30.25 47.48
N ALA B 290 29.75 29.25 48.16
CA ALA B 290 29.76 27.89 47.62
C ALA B 290 28.34 27.36 47.40
N GLY B 291 27.36 27.88 48.15
CA GLY B 291 25.98 27.59 47.83
C GLY B 291 25.60 28.01 46.43
N ALA B 292 26.21 29.10 45.94
CA ALA B 292 25.97 29.51 44.56
C ALA B 292 26.48 28.46 43.58
N LEU B 293 27.68 27.92 43.83
CA LEU B 293 28.21 26.86 42.97
C LEU B 293 27.31 25.62 43.03
N VAL B 294 26.85 25.27 44.23
CA VAL B 294 25.98 24.10 44.38
C VAL B 294 24.69 24.29 43.60
N ALA B 295 24.08 25.48 43.72
CA ALA B 295 22.88 25.77 42.95
C ALA B 295 23.15 25.81 41.46
N PHE B 296 24.34 26.27 41.07
CA PHE B 296 24.72 26.23 39.66
C PHE B 296 24.69 24.80 39.15
N ILE B 297 25.30 23.88 39.90
CA ILE B 297 25.32 22.47 39.51
C ILE B 297 23.91 21.87 39.47
N LEU B 298 23.10 22.17 40.48
CA LEU B 298 21.71 21.72 40.49
C LEU B 298 20.98 22.16 39.23
N TYR B 299 21.10 23.44 38.88
CA TYR B 299 20.40 23.92 37.70
C TYR B 299 21.00 23.36 36.41
N LEU B 300 22.28 22.99 36.43
CA LEU B 300 22.85 22.28 35.29
C LEU B 300 22.17 20.94 35.08
N PHE B 301 21.84 20.24 36.16
CA PHE B 301 21.03 19.03 36.02
C PHE B 301 19.67 19.36 35.41
N GLN B 302 19.00 20.36 35.99
CA GLN B 302 17.67 20.76 35.52
C GLN B 302 17.69 21.18 34.05
N ILE B 303 18.84 21.64 33.55
CA ILE B 303 18.95 22.02 32.14
C ILE B 303 19.33 20.83 31.27
N ILE B 304 19.99 19.82 31.84
CA ILE B 304 20.35 18.67 31.01
C ILE B 304 19.11 17.89 30.60
N MET B 305 18.01 18.03 31.34
CA MET B 305 16.79 17.40 30.86
C MET B 305 16.30 17.98 29.53
N PRO B 306 15.99 19.28 29.45
CA PRO B 306 15.43 19.81 28.20
C PRO B 306 16.40 19.75 27.03
N MET B 307 17.70 19.69 27.29
CA MET B 307 18.65 19.49 26.21
C MET B 307 18.42 18.15 25.53
N GLY B 308 18.15 17.11 26.32
CA GLY B 308 17.76 15.83 25.74
C GLY B 308 16.50 15.95 24.91
N GLN B 309 15.53 16.74 25.38
CA GLN B 309 14.32 16.94 24.58
C GLN B 309 14.64 17.59 23.23
N ILE B 310 15.45 18.65 23.25
CA ILE B 310 15.79 19.34 22.00
C ILE B 310 16.55 18.41 21.07
N THR B 311 17.41 17.56 21.62
CA THR B 311 18.16 16.62 20.78
C THR B 311 17.22 15.62 20.13
N THR B 312 16.24 15.12 20.87
CA THR B 312 15.24 14.25 20.27
C THR B 312 14.51 14.95 19.14
N PHE B 313 14.17 16.23 19.33
CA PHE B 313 13.46 16.92 18.25
C PHE B 313 14.33 17.09 17.02
N PHE B 314 15.60 17.42 17.19
CA PHE B 314 16.45 17.60 16.02
C PHE B 314 16.66 16.29 15.27
N THR B 315 16.86 15.18 16.00
CA THR B 315 16.99 13.90 15.30
C THR B 315 15.69 13.54 14.59
N GLN B 316 14.54 13.82 15.20
CA GLN B 316 13.29 13.51 14.51
C GLN B 316 13.08 14.41 13.30
N LEU B 317 13.53 15.66 13.35
CA LEU B 317 13.43 16.49 12.17
C LEU B 317 14.30 15.96 11.05
N GLN B 318 15.52 15.54 11.36
CA GLN B 318 16.36 14.94 10.33
C GLN B 318 15.73 13.67 9.76
N LYS B 319 15.09 12.86 10.60
CA LYS B 319 14.45 11.65 10.08
C LYS B 319 13.26 11.98 9.20
N SER B 320 12.45 12.96 9.58
CA SER B 320 11.31 13.32 8.77
C SER B 320 11.73 13.90 7.42
N ILE B 321 12.80 14.69 7.41
CA ILE B 321 13.31 15.17 6.14
C ILE B 321 13.81 14.01 5.30
N GLY B 322 14.43 13.02 5.95
CA GLY B 322 14.87 11.85 5.22
C GLY B 322 13.73 11.03 4.68
N ALA B 323 12.55 11.13 5.29
CA ALA B 323 11.39 10.41 4.78
C ALA B 323 10.76 11.16 3.61
N THR B 324 10.69 12.48 3.69
CA THR B 324 9.95 13.25 2.69
C THR B 324 10.84 13.85 1.61
N GLU B 325 12.15 13.56 1.61
CA GLU B 325 12.99 14.07 0.54
C GLU B 325 12.75 13.36 -0.79
N ARG B 326 11.97 12.27 -0.80
CA ARG B 326 11.53 11.66 -2.03
C ARG B 326 10.15 12.11 -2.44
N MET B 327 9.32 12.53 -1.50
CA MET B 327 8.01 13.08 -1.78
C MET B 327 8.07 14.56 -2.13
N ILE B 328 9.22 15.21 -1.90
CA ILE B 328 9.36 16.62 -2.22
C ILE B 328 9.73 16.85 -3.67
N GLU B 329 9.74 15.79 -4.48
CA GLU B 329 9.97 15.94 -5.90
C GLU B 329 8.84 15.37 -6.75
N ILE B 330 7.93 14.59 -6.16
CA ILE B 330 6.71 14.21 -6.87
C ILE B 330 5.83 15.42 -7.05
N LEU B 331 6.02 16.45 -6.22
CA LEU B 331 5.28 17.70 -6.34
C LEU B 331 5.95 18.69 -7.28
N ALA B 332 6.89 18.24 -8.10
CA ALA B 332 7.63 19.11 -9.01
C ALA B 332 7.78 18.46 -10.39
N GLU B 333 6.69 17.89 -10.92
CA GLU B 333 6.82 17.06 -12.11
C GLU B 333 6.00 17.57 -13.30
N GLU B 334 5.40 18.75 -13.21
CA GLU B 334 4.85 19.42 -14.39
C GLU B 334 3.73 18.64 -15.07
N GLU B 335 2.58 18.56 -14.40
CA GLU B 335 1.36 18.08 -15.07
C GLU B 335 1.03 18.99 -16.26
N GLU B 336 0.06 18.54 -17.09
CA GLU B 336 -0.04 19.14 -18.43
C GLU B 336 -1.45 19.42 -18.93
N ASP B 337 -2.44 19.61 -18.06
CA ASP B 337 -3.82 19.58 -18.51
C ASP B 337 -4.19 20.94 -19.10
N THR B 338 -5.46 21.13 -19.48
CA THR B 338 -5.98 22.14 -20.41
C THR B 338 -5.29 23.49 -20.25
N VAL B 339 -4.63 23.95 -21.32
CA VAL B 339 -3.93 25.24 -21.27
C VAL B 339 -4.37 26.13 -22.44
N THR B 340 -4.33 25.60 -23.66
CA THR B 340 -4.62 26.42 -24.82
C THR B 340 -6.09 26.79 -24.91
N GLY B 341 -6.97 25.90 -24.46
CA GLY B 341 -8.38 26.23 -24.38
C GLY B 341 -9.06 26.41 -25.72
N LYS B 342 -8.37 26.08 -26.81
CA LYS B 342 -9.00 26.14 -28.13
C LYS B 342 -9.95 24.95 -28.27
N GLN B 343 -11.12 25.08 -27.64
CA GLN B 343 -12.09 24.00 -27.58
C GLN B 343 -12.45 23.52 -28.98
N ILE B 344 -12.35 22.20 -29.19
CA ILE B 344 -12.61 21.64 -30.51
C ILE B 344 -14.04 21.93 -30.93
N GLU B 345 -14.25 22.18 -32.21
CA GLU B 345 -15.55 22.68 -32.66
C GLU B 345 -16.19 21.75 -33.68
N ASN B 346 -15.39 21.02 -34.45
CA ASN B 346 -15.96 20.18 -35.48
C ASN B 346 -15.75 18.71 -35.18
N ALA B 347 -14.51 18.28 -35.05
CA ALA B 347 -14.13 16.88 -34.78
C ALA B 347 -14.51 15.94 -35.92
N HIS B 348 -15.04 16.46 -37.02
CA HIS B 348 -15.48 15.66 -38.15
C HIS B 348 -14.55 15.81 -39.35
N LEU B 349 -13.33 16.29 -39.12
CA LEU B 349 -12.32 16.46 -40.15
C LEU B 349 -11.44 15.22 -40.24
N PRO B 350 -10.76 15.01 -41.36
CA PRO B 350 -9.84 13.87 -41.44
C PRO B 350 -8.57 14.15 -40.66
N ILE B 351 -8.19 13.19 -39.82
CA ILE B 351 -6.96 13.31 -39.04
C ILE B 351 -5.78 13.01 -39.95
N GLN B 352 -4.92 14.00 -40.14
CA GLN B 352 -3.72 13.82 -40.94
C GLN B 352 -2.53 13.55 -40.04
N LEU B 353 -1.66 12.66 -40.50
CA LEU B 353 -0.41 12.37 -39.83
C LEU B 353 0.74 12.72 -40.76
N ASP B 354 1.50 13.73 -40.39
CA ASP B 354 2.70 13.99 -41.22
C ASP B 354 3.78 13.17 -40.54
N ARG B 355 4.99 13.18 -41.05
CA ARG B 355 5.90 12.18 -40.50
C ARG B 355 5.71 12.25 -38.99
N VAL B 356 5.43 11.13 -38.32
CA VAL B 356 5.15 11.16 -36.86
C VAL B 356 5.94 10.05 -36.26
N SER B 357 7.13 10.32 -35.80
CA SER B 357 8.01 9.31 -35.25
C SER B 357 8.04 9.44 -33.74
N PHE B 358 8.10 8.30 -33.06
CA PHE B 358 7.94 8.28 -31.62
C PHE B 358 8.61 7.06 -31.04
N GLY B 359 9.29 7.26 -29.92
CA GLY B 359 9.88 6.15 -29.18
C GLY B 359 9.72 6.38 -27.70
N TYR B 360 9.36 5.29 -27.01
CA TYR B 360 9.14 5.39 -25.56
C TYR B 360 10.42 5.82 -24.86
N LYS B 361 11.51 5.13 -25.11
CA LYS B 361 12.81 5.62 -24.69
C LYS B 361 13.44 6.42 -25.83
N PRO B 362 14.22 7.45 -25.54
CA PRO B 362 14.68 8.36 -26.60
C PRO B 362 15.59 7.72 -27.63
N ASP B 363 16.24 6.61 -27.31
CA ASP B 363 17.20 6.02 -28.25
C ASP B 363 16.49 5.24 -29.34
N GLN B 364 15.67 4.26 -28.97
CA GLN B 364 15.04 3.36 -29.93
C GLN B 364 13.76 3.99 -30.44
N LEU B 365 13.56 3.94 -31.76
CA LEU B 365 12.37 4.46 -32.38
C LEU B 365 11.42 3.31 -32.73
N ILE B 366 10.18 3.43 -32.28
CA ILE B 366 9.17 2.42 -32.56
C ILE B 366 8.28 2.82 -33.73
N LEU B 367 8.16 4.11 -34.01
CA LEU B 367 7.47 4.60 -35.19
C LEU B 367 8.44 5.44 -35.99
N LYS B 368 8.75 5.00 -37.21
CA LYS B 368 9.77 5.63 -38.04
C LYS B 368 9.11 6.34 -39.21
N GLU B 369 8.75 7.60 -39.00
CA GLU B 369 8.18 8.45 -40.05
C GLU B 369 6.91 7.84 -40.64
N VAL B 370 5.97 7.53 -39.76
CA VAL B 370 4.65 7.12 -40.20
C VAL B 370 3.92 8.33 -40.77
N SER B 371 3.02 8.08 -41.73
CA SER B 371 2.24 9.16 -42.33
C SER B 371 1.00 8.55 -42.97
N ALA B 372 -0.15 8.84 -42.37
CA ALA B 372 -1.42 8.30 -42.85
C ALA B 372 -2.47 9.39 -42.81
N VAL B 373 -3.65 9.08 -43.37
CA VAL B 373 -4.75 10.02 -43.41
C VAL B 373 -6.00 9.26 -43.00
N ILE B 374 -6.39 9.37 -41.73
CA ILE B 374 -7.62 8.78 -41.23
C ILE B 374 -8.77 9.63 -41.75
N GLU B 375 -9.54 9.07 -42.67
CA GLU B 375 -10.65 9.81 -43.26
C GLU B 375 -11.73 10.09 -42.23
N ALA B 376 -12.54 11.10 -42.51
CA ALA B 376 -13.62 11.49 -41.62
C ALA B 376 -14.91 10.76 -41.99
N GLY B 377 -15.47 10.04 -41.03
CA GLY B 377 -16.72 9.34 -41.27
C GLY B 377 -16.59 8.02 -41.97
N LYS B 378 -15.43 7.36 -41.88
CA LYS B 378 -15.21 6.08 -42.53
C LYS B 378 -14.44 5.17 -41.60
N VAL B 379 -14.33 3.90 -41.99
CA VAL B 379 -13.69 2.88 -41.18
C VAL B 379 -12.28 2.66 -41.71
N THR B 380 -11.29 2.97 -40.88
CA THR B 380 -9.88 2.70 -41.19
C THR B 380 -9.36 1.69 -40.19
N ALA B 381 -8.83 0.59 -40.70
CA ALA B 381 -8.37 -0.51 -39.87
C ALA B 381 -6.86 -0.57 -39.89
N ILE B 382 -6.25 -0.39 -38.73
CA ILE B 382 -4.81 -0.58 -38.55
C ILE B 382 -4.59 -2.06 -38.32
N VAL B 383 -3.99 -2.74 -39.29
CA VAL B 383 -3.75 -4.17 -39.21
C VAL B 383 -2.27 -4.44 -39.41
N GLY B 384 -1.76 -5.45 -38.73
CA GLY B 384 -0.37 -5.81 -38.87
C GLY B 384 0.06 -6.80 -37.80
N PRO B 385 1.18 -7.48 -38.04
CA PRO B 385 1.65 -8.48 -37.10
C PRO B 385 2.02 -7.84 -35.77
N SER B 386 2.00 -8.67 -34.73
CA SER B 386 2.28 -8.20 -33.38
C SER B 386 3.67 -7.58 -33.30
N GLY B 387 3.88 -6.78 -32.27
CA GLY B 387 5.13 -6.07 -32.16
C GLY B 387 5.38 -5.03 -33.23
N GLY B 388 4.35 -4.61 -33.94
CA GLY B 388 4.52 -3.69 -35.04
C GLY B 388 4.30 -2.24 -34.69
N GLY B 389 3.67 -1.97 -33.56
CA GLY B 389 3.47 -0.60 -33.17
C GLY B 389 2.13 0.00 -33.56
N LYS B 390 1.03 -0.69 -33.23
CA LYS B 390 -0.31 -0.16 -33.47
C LYS B 390 -0.85 0.59 -32.25
N THR B 391 -0.94 -0.07 -31.10
CA THR B 391 -1.44 0.60 -29.91
C THR B 391 -0.60 1.81 -29.56
N THR B 392 0.70 1.77 -29.86
CA THR B 392 1.48 2.99 -29.70
C THR B 392 1.07 4.04 -30.71
N LEU B 393 0.58 3.63 -31.88
CA LEU B 393 0.06 4.63 -32.81
C LEU B 393 -1.21 5.27 -32.27
N PHE B 394 -2.05 4.51 -31.57
CA PHE B 394 -3.19 5.17 -30.93
C PHE B 394 -2.78 6.06 -29.77
N LYS B 395 -1.86 5.59 -28.94
CA LYS B 395 -1.37 6.44 -27.86
C LYS B 395 -0.74 7.72 -28.39
N LEU B 396 -0.20 7.69 -29.61
CA LEU B 396 0.13 8.96 -30.26
C LEU B 396 -1.13 9.71 -30.67
N LEU B 397 -2.13 9.00 -31.22
CA LEU B 397 -3.33 9.63 -31.77
C LEU B 397 -4.30 10.11 -30.70
N GLU B 398 -4.07 9.76 -29.43
CA GLU B 398 -4.89 10.27 -28.34
C GLU B 398 -4.08 11.19 -27.43
N ARG B 399 -2.85 11.49 -27.81
CA ARG B 399 -1.99 12.45 -27.12
C ARG B 399 -1.77 12.09 -25.66
N PHE B 400 -1.66 10.80 -25.35
CA PHE B 400 -1.03 10.43 -24.08
C PHE B 400 0.39 10.96 -24.06
N TYR B 401 1.21 10.52 -25.02
CA TYR B 401 2.55 11.03 -25.25
C TYR B 401 2.48 12.06 -26.36
N SER B 402 3.63 12.57 -26.75
CA SER B 402 3.68 13.47 -27.89
C SER B 402 4.76 13.02 -28.86
N PRO B 403 4.57 13.26 -30.14
CA PRO B 403 5.54 12.76 -31.14
C PRO B 403 6.87 13.47 -31.00
N THR B 404 7.92 12.81 -31.48
CA THR B 404 9.23 13.44 -31.53
C THR B 404 9.48 14.08 -32.89
N ALA B 405 8.89 13.53 -33.94
CA ALA B 405 8.95 14.08 -35.28
C ALA B 405 7.77 15.04 -35.47
N GLY B 406 7.47 15.40 -36.72
CA GLY B 406 6.33 16.26 -36.99
C GLY B 406 5.04 15.72 -36.39
N THR B 407 4.03 16.60 -36.34
CA THR B 407 2.88 16.38 -35.48
C THR B 407 1.64 16.01 -36.29
N ILE B 408 0.55 15.75 -35.57
CA ILE B 408 -0.74 15.38 -36.15
C ILE B 408 -1.48 16.66 -36.49
N ARG B 409 -2.49 16.57 -37.37
CA ARG B 409 -3.27 17.73 -37.75
C ARG B 409 -4.73 17.37 -37.97
N LEU B 410 -5.59 18.39 -37.80
CA LEU B 410 -7.00 18.33 -38.16
C LEU B 410 -7.27 19.53 -39.04
N GLY B 411 -7.56 19.26 -40.32
CA GLY B 411 -7.83 20.34 -41.25
C GLY B 411 -6.68 21.32 -41.36
N ASP B 412 -5.46 20.79 -41.46
CA ASP B 412 -4.24 21.57 -41.59
C ASP B 412 -3.88 22.34 -40.33
N GLU B 413 -4.41 21.94 -39.18
CA GLU B 413 -4.07 22.56 -37.91
C GLU B 413 -3.45 21.55 -36.98
N PRO B 414 -2.33 21.85 -36.34
CA PRO B 414 -1.67 20.85 -35.50
C PRO B 414 -2.48 20.54 -34.27
N VAL B 415 -2.48 19.27 -33.88
CA VAL B 415 -3.28 18.80 -32.76
C VAL B 415 -2.82 19.34 -31.42
N ASP B 416 -1.67 20.00 -31.36
CA ASP B 416 -1.25 20.68 -30.16
C ASP B 416 -1.82 22.09 -30.05
N THR B 417 -2.75 22.45 -30.94
CA THR B 417 -3.45 23.73 -30.87
C THR B 417 -4.79 23.59 -30.16
N TYR B 418 -5.24 22.35 -29.94
CA TYR B 418 -6.49 22.12 -29.25
C TYR B 418 -6.21 21.60 -27.85
N SER B 419 -6.87 22.19 -26.86
CA SER B 419 -6.64 21.81 -25.48
C SER B 419 -7.07 20.36 -25.25
N LEU B 420 -6.31 19.67 -24.40
CA LEU B 420 -6.49 18.23 -24.24
C LEU B 420 -7.88 17.87 -23.74
N GLU B 421 -8.47 18.70 -22.88
CA GLU B 421 -9.79 18.38 -22.34
C GLU B 421 -10.84 18.39 -23.43
N SER B 422 -10.64 19.20 -24.46
CA SER B 422 -11.57 19.19 -25.60
C SER B 422 -11.20 18.14 -26.63
N TRP B 423 -10.11 17.41 -26.42
CA TRP B 423 -9.67 16.38 -27.36
C TRP B 423 -9.87 14.98 -26.81
N ARG B 424 -9.93 14.80 -25.50
CA ARG B 424 -10.20 13.49 -24.94
C ARG B 424 -11.68 13.29 -24.60
N GLU B 425 -12.47 14.36 -24.58
CA GLU B 425 -13.92 14.24 -24.45
C GLU B 425 -14.60 13.97 -25.77
N HIS B 426 -13.83 13.85 -26.85
CA HIS B 426 -14.38 13.60 -28.18
C HIS B 426 -13.96 12.25 -28.74
N ILE B 427 -13.11 11.51 -28.03
CA ILE B 427 -12.50 10.30 -28.56
C ILE B 427 -12.69 9.18 -27.56
N GLY B 428 -13.47 8.17 -27.95
CA GLY B 428 -13.72 7.02 -27.10
C GLY B 428 -12.80 5.87 -27.47
N TYR B 429 -11.97 5.47 -26.53
CA TYR B 429 -10.80 4.63 -26.79
C TYR B 429 -10.86 3.38 -25.93
N VAL B 430 -11.10 2.23 -26.57
CA VAL B 430 -11.09 0.94 -25.88
C VAL B 430 -9.71 0.33 -26.00
N SER B 431 -9.07 0.05 -24.88
CA SER B 431 -7.69 -0.39 -24.83
C SER B 431 -7.59 -1.88 -25.17
N GLN B 432 -6.34 -2.36 -25.26
CA GLN B 432 -6.12 -3.79 -25.52
C GLN B 432 -6.46 -4.63 -24.30
N GLU B 433 -6.40 -4.06 -23.10
CA GLU B 433 -6.69 -4.82 -21.90
C GLU B 433 -8.14 -4.72 -21.47
N SER B 434 -8.83 -3.66 -21.87
CA SER B 434 -10.18 -3.34 -21.41
C SER B 434 -10.19 -3.35 -19.89
N PRO B 435 -9.49 -2.43 -19.25
CA PRO B 435 -9.36 -2.48 -17.79
C PRO B 435 -10.66 -2.06 -17.13
N LEU B 436 -11.00 -2.75 -16.05
CA LEU B 436 -12.13 -2.38 -15.23
C LEU B 436 -11.61 -1.96 -13.85
N MET B 437 -12.47 -1.26 -13.12
CA MET B 437 -12.15 -0.84 -11.78
C MET B 437 -13.19 -1.38 -10.82
N SER B 438 -12.77 -1.66 -9.60
CA SER B 438 -13.69 -2.17 -8.59
C SER B 438 -14.82 -1.19 -8.36
N GLY B 439 -16.00 -1.72 -8.09
CA GLY B 439 -17.19 -0.93 -7.91
C GLY B 439 -18.34 -1.54 -8.66
N THR B 440 -19.34 -0.73 -8.95
CA THR B 440 -20.49 -1.22 -9.67
C THR B 440 -20.15 -1.43 -11.14
N ILE B 441 -21.13 -1.94 -11.88
CA ILE B 441 -21.04 -1.92 -13.33
C ILE B 441 -21.56 -0.58 -13.84
N ARG B 442 -22.29 0.16 -13.02
CA ARG B 442 -22.74 1.53 -13.42
C ARG B 442 -21.67 2.50 -13.00
N GLU B 443 -20.62 2.00 -12.38
CA GLU B 443 -19.47 2.85 -12.12
C GLU B 443 -18.33 2.53 -13.08
N ASN B 444 -18.58 1.67 -14.06
CA ASN B 444 -17.62 1.42 -15.12
C ASN B 444 -18.21 1.64 -16.50
N ILE B 445 -19.50 1.38 -16.68
CA ILE B 445 -20.14 1.71 -17.94
C ILE B 445 -20.22 3.21 -18.12
N CYS B 446 -20.39 3.95 -17.04
CA CYS B 446 -20.32 5.40 -17.06
C CYS B 446 -19.21 5.81 -16.11
N TYR B 447 -18.18 6.45 -16.65
CA TYR B 447 -17.00 6.79 -15.88
C TYR B 447 -16.58 8.21 -16.21
N GLY B 448 -16.59 9.08 -15.20
CA GLY B 448 -16.20 10.46 -15.38
C GLY B 448 -17.23 11.32 -16.09
N LEU B 449 -18.34 10.75 -16.54
CA LEU B 449 -19.38 11.54 -17.18
C LEU B 449 -19.99 12.48 -16.16
N GLU B 450 -19.75 13.78 -16.36
CA GLU B 450 -20.26 14.81 -15.47
C GLU B 450 -21.78 14.83 -15.41
N ARG B 451 -22.44 14.45 -16.50
CA ARG B 451 -23.89 14.41 -16.53
C ARG B 451 -24.40 13.33 -15.59
N ASP B 452 -25.70 13.38 -15.31
CA ASP B 452 -26.39 12.24 -14.72
C ASP B 452 -26.82 11.35 -15.87
N VAL B 453 -26.47 10.07 -15.81
CA VAL B 453 -26.46 9.22 -16.99
C VAL B 453 -27.84 9.11 -17.62
N THR B 454 -28.92 9.26 -16.84
CA THR B 454 -30.26 9.07 -17.39
C THR B 454 -29.93 7.58 -17.55
N ASP B 455 -30.89 6.71 -17.20
CA ASP B 455 -30.71 5.24 -16.99
C ASP B 455 -31.41 4.72 -18.24
N ALA B 456 -31.61 5.54 -19.26
CA ALA B 456 -32.19 4.94 -20.48
C ALA B 456 -30.85 5.02 -21.23
N GLU B 457 -30.02 6.02 -20.99
CA GLU B 457 -28.75 6.05 -21.74
C GLU B 457 -27.85 4.88 -21.36
N ILE B 458 -27.69 4.54 -20.09
CA ILE B 458 -26.78 3.40 -19.82
C ILE B 458 -27.42 2.28 -20.60
N GLU B 459 -28.74 2.17 -20.60
CA GLU B 459 -29.29 0.98 -21.31
C GLU B 459 -29.06 0.98 -22.82
N LYS B 460 -29.28 2.07 -23.52
CA LYS B 460 -29.02 1.97 -24.98
C LYS B 460 -27.53 1.66 -25.16
N ALA B 461 -26.68 2.25 -24.35
CA ALA B 461 -25.27 1.92 -24.60
C ALA B 461 -25.00 0.46 -24.35
N ALA B 462 -25.48 -0.10 -23.28
CA ALA B 462 -25.14 -1.51 -23.16
C ALA B 462 -25.76 -2.31 -24.28
N GLU B 463 -26.97 -2.02 -24.70
CA GLU B 463 -27.50 -2.91 -25.77
C GLU B 463 -26.64 -2.78 -27.02
N MET B 464 -26.12 -1.59 -27.33
CA MET B 464 -25.21 -1.46 -28.51
C MET B 464 -23.91 -2.16 -28.25
N ALA B 465 -23.66 -2.62 -27.04
CA ALA B 465 -22.46 -3.43 -26.87
C ALA B 465 -22.77 -4.89 -26.54
N TYR B 466 -24.03 -5.31 -26.72
CA TYR B 466 -24.43 -6.69 -26.45
C TYR B 466 -24.19 -7.07 -25.00
N ALA B 467 -24.32 -6.08 -24.11
CA ALA B 467 -24.15 -6.31 -22.69
C ALA B 467 -25.46 -6.43 -21.93
N LEU B 468 -26.58 -6.00 -22.52
CA LEU B 468 -27.85 -6.05 -21.82
C LEU B 468 -28.31 -7.47 -21.57
N ASN B 469 -27.82 -8.43 -22.35
CA ASN B 469 -28.25 -9.82 -22.17
C ASN B 469 -27.63 -10.43 -20.93
N PHE B 470 -26.33 -10.25 -20.73
CA PHE B 470 -25.65 -10.93 -19.64
C PHE B 470 -25.75 -10.14 -18.34
N ILE B 471 -26.07 -8.85 -18.42
CA ILE B 471 -26.05 -8.00 -17.24
C ILE B 471 -27.39 -8.06 -16.53
N LYS B 472 -28.39 -8.68 -17.15
CA LYS B 472 -29.66 -8.90 -16.48
C LYS B 472 -29.73 -10.28 -15.86
N GLU B 473 -28.83 -11.18 -16.20
CA GLU B 473 -28.94 -12.46 -15.49
C GLU B 473 -28.45 -12.24 -14.06
N LEU B 474 -27.59 -11.25 -13.79
CA LEU B 474 -26.98 -11.10 -12.45
C LEU B 474 -27.93 -10.22 -11.62
N PRO B 475 -27.65 -9.81 -10.35
CA PRO B 475 -28.55 -8.89 -9.59
C PRO B 475 -28.96 -7.66 -10.42
N ASN B 476 -28.09 -7.04 -11.24
CA ASN B 476 -28.46 -6.00 -12.23
C ASN B 476 -27.32 -5.20 -12.83
N GLN B 477 -27.47 -3.88 -13.00
CA GLN B 477 -26.45 -2.99 -13.64
C GLN B 477 -26.02 -2.59 -12.28
N PHE B 478 -26.85 -2.95 -11.35
CA PHE B 478 -26.57 -2.42 -10.03
C PHE B 478 -25.22 -2.50 -9.43
N ASP B 479 -24.56 -3.64 -9.50
CA ASP B 479 -23.28 -3.78 -8.79
C ASP B 479 -23.24 -5.27 -9.03
N THR B 480 -22.22 -5.76 -9.71
CA THR B 480 -22.08 -7.20 -9.79
C THR B 480 -20.84 -6.40 -9.53
N GLU B 481 -20.21 -6.60 -8.38
CA GLU B 481 -19.09 -5.69 -8.04
C GLU B 481 -18.15 -6.47 -8.95
N VAL B 482 -17.41 -5.77 -9.78
CA VAL B 482 -16.53 -6.41 -10.74
C VAL B 482 -15.41 -6.83 -9.84
N GLY B 483 -14.97 -6.00 -8.92
CA GLY B 483 -14.02 -6.35 -7.88
C GLY B 483 -12.72 -5.78 -8.42
N GLU B 484 -11.64 -6.25 -7.81
CA GLU B 484 -10.31 -5.82 -8.20
C GLU B 484 -9.98 -6.29 -9.61
N ARG B 485 -9.70 -5.34 -10.49
CA ARG B 485 -9.29 -5.63 -11.85
C ARG B 485 -10.35 -6.44 -12.60
N GLY B 486 -11.60 -6.26 -12.20
CA GLY B 486 -12.69 -6.91 -12.92
C GLY B 486 -12.62 -8.42 -12.90
N ILE B 487 -12.17 -9.00 -11.79
CA ILE B 487 -11.98 -10.44 -11.75
C ILE B 487 -13.27 -11.20 -11.42
N MET B 488 -14.33 -10.51 -11.04
CA MET B 488 -15.61 -11.16 -10.84
C MET B 488 -16.43 -11.24 -12.12
N LEU B 489 -15.85 -10.87 -13.26
CA LEU B 489 -16.44 -11.07 -14.55
C LEU B 489 -15.50 -11.89 -15.42
N SER B 490 -15.97 -12.29 -16.59
CA SER B 490 -15.19 -13.19 -17.43
C SER B 490 -14.11 -12.41 -18.16
N GLY B 491 -13.50 -13.05 -19.15
CA GLY B 491 -12.58 -12.36 -20.03
C GLY B 491 -13.25 -11.80 -21.26
N GLY B 492 -14.48 -12.20 -21.53
CA GLY B 492 -15.26 -11.64 -22.60
C GLY B 492 -16.27 -10.62 -22.13
N GLN B 493 -16.88 -10.85 -20.98
CA GLN B 493 -17.85 -9.89 -20.45
C GLN B 493 -17.19 -8.56 -20.13
N ARG B 494 -15.94 -8.57 -19.67
CA ARG B 494 -15.31 -7.30 -19.33
C ARG B 494 -14.94 -6.52 -20.58
N GLN B 495 -14.59 -7.20 -21.67
CA GLN B 495 -14.40 -6.49 -22.92
C GLN B 495 -15.70 -5.90 -23.42
N ARG B 496 -16.80 -6.62 -23.25
CA ARG B 496 -18.09 -6.05 -23.64
C ARG B 496 -18.42 -4.83 -22.80
N ILE B 497 -18.11 -4.86 -21.50
CA ILE B 497 -18.34 -3.69 -20.66
C ILE B 497 -17.46 -2.53 -21.10
N ALA B 498 -16.22 -2.79 -21.49
CA ALA B 498 -15.34 -1.71 -21.94
C ALA B 498 -15.87 -1.08 -23.22
N ILE B 499 -16.32 -1.91 -24.17
CA ILE B 499 -16.94 -1.36 -25.37
C ILE B 499 -18.17 -0.55 -25.02
N ALA B 500 -18.94 -1.00 -24.03
CA ALA B 500 -20.07 -0.20 -23.59
C ALA B 500 -19.64 1.15 -23.04
N ARG B 501 -18.57 1.17 -22.25
CA ARG B 501 -18.08 2.43 -21.70
C ARG B 501 -17.63 3.37 -22.80
N ALA B 502 -17.04 2.84 -23.86
CA ALA B 502 -16.66 3.70 -24.96
C ALA B 502 -17.87 4.19 -25.74
N LEU B 503 -18.91 3.36 -25.87
CA LEU B 503 -20.07 3.74 -26.64
C LEU B 503 -21.02 4.66 -25.88
N LEU B 504 -20.87 4.75 -24.55
CA LEU B 504 -21.80 5.55 -23.78
C LEU B 504 -21.57 7.04 -23.97
N ARG B 505 -20.34 7.43 -24.29
CA ARG B 505 -19.99 8.84 -24.36
C ARG B 505 -20.37 9.49 -25.67
N ASN B 506 -20.87 8.73 -26.63
CA ASN B 506 -21.29 9.25 -27.93
C ASN B 506 -20.12 9.97 -28.60
N PRO B 507 -19.00 9.31 -28.80
CA PRO B 507 -17.79 10.01 -29.25
C PRO B 507 -17.78 10.20 -30.76
N SER B 508 -17.13 11.29 -31.18
CA SER B 508 -16.98 11.54 -32.60
C SER B 508 -15.94 10.61 -33.23
N ILE B 509 -14.81 10.42 -32.56
CA ILE B 509 -13.77 9.51 -33.02
C ILE B 509 -13.76 8.31 -32.08
N LEU B 510 -13.97 7.13 -32.64
CA LEU B 510 -13.91 5.89 -31.90
C LEU B 510 -12.59 5.19 -32.20
N MET B 511 -12.04 4.51 -31.20
CA MET B 511 -10.74 3.84 -31.34
C MET B 511 -10.79 2.50 -30.63
N LEU B 512 -11.00 1.43 -31.38
CA LEU B 512 -11.17 0.09 -30.81
C LEU B 512 -9.87 -0.68 -30.98
N ASP B 513 -9.10 -0.78 -29.89
CA ASP B 513 -7.85 -1.55 -29.89
C ASP B 513 -8.17 -3.01 -29.62
N ALA B 514 -8.66 -3.68 -30.67
CA ALA B 514 -8.99 -5.10 -30.59
C ALA B 514 -10.05 -5.36 -29.53
N ALA B 515 -11.19 -4.70 -29.71
CA ALA B 515 -12.30 -4.82 -28.78
C ALA B 515 -13.05 -6.13 -28.93
N THR B 516 -12.94 -6.80 -30.06
CA THR B 516 -13.56 -8.09 -30.29
C THR B 516 -12.53 -9.21 -30.20
N SER B 517 -11.58 -9.06 -29.27
CA SER B 517 -10.49 -10.02 -29.14
C SER B 517 -10.95 -11.30 -28.44
N SER B 518 -11.41 -11.18 -27.20
CA SER B 518 -11.63 -12.34 -26.36
C SER B 518 -13.09 -12.77 -26.28
N LEU B 519 -13.95 -12.24 -27.13
CA LEU B 519 -15.34 -12.68 -27.14
C LEU B 519 -15.60 -13.60 -28.33
N ASP B 520 -16.65 -14.40 -28.22
CA ASP B 520 -16.92 -15.44 -29.19
C ASP B 520 -17.41 -14.84 -30.51
N SER B 521 -17.77 -15.72 -31.45
CA SER B 521 -18.13 -15.27 -32.79
C SER B 521 -19.51 -14.62 -32.82
N GLN B 522 -20.48 -15.21 -32.13
CA GLN B 522 -21.83 -14.67 -32.13
C GLN B 522 -21.86 -13.25 -31.56
N SER B 523 -21.29 -13.08 -30.37
CA SER B 523 -21.19 -11.75 -29.78
C SER B 523 -20.39 -10.80 -30.65
N GLU B 524 -19.38 -11.30 -31.35
CA GLU B 524 -18.62 -10.47 -32.28
C GLU B 524 -19.51 -9.92 -33.38
N LYS B 525 -20.31 -10.80 -34.00
CA LYS B 525 -21.22 -10.35 -35.05
C LYS B 525 -22.23 -9.34 -34.53
N SER B 526 -22.78 -9.59 -33.34
CA SER B 526 -23.78 -8.68 -32.80
C SER B 526 -23.19 -7.31 -32.51
N VAL B 527 -22.04 -7.27 -31.83
CA VAL B 527 -21.42 -5.99 -31.51
C VAL B 527 -20.99 -5.28 -32.77
N GLN B 528 -20.55 -6.02 -33.79
CA GLN B 528 -20.17 -5.40 -35.04
C GLN B 528 -21.37 -4.75 -35.71
N GLN B 529 -22.51 -5.46 -35.77
CA GLN B 529 -23.70 -4.89 -36.36
C GLN B 529 -24.15 -3.64 -35.60
N ALA B 530 -24.11 -3.70 -34.27
CA ALA B 530 -24.53 -2.54 -33.48
C ALA B 530 -23.62 -1.35 -33.70
N LEU B 531 -22.30 -1.57 -33.69
CA LEU B 531 -21.37 -0.45 -33.86
C LEU B 531 -21.48 0.13 -35.25
N GLU B 532 -21.67 -0.71 -36.28
CA GLU B 532 -21.84 -0.19 -37.62
C GLU B 532 -23.18 0.53 -37.80
N VAL B 533 -24.19 0.16 -37.02
CA VAL B 533 -25.46 0.88 -37.08
C VAL B 533 -25.33 2.23 -36.39
N LEU B 534 -24.56 2.29 -35.31
CA LEU B 534 -24.44 3.55 -34.56
C LEU B 534 -23.46 4.50 -35.24
N MET B 535 -22.20 4.11 -35.33
CA MET B 535 -21.13 4.99 -35.79
C MET B 535 -21.04 5.03 -37.31
N GLU B 536 -22.12 5.45 -37.97
CA GLU B 536 -22.11 5.53 -39.43
C GLU B 536 -21.62 6.90 -39.89
N GLY B 537 -22.00 7.96 -39.17
CA GLY B 537 -21.60 9.29 -39.57
C GLY B 537 -20.31 9.76 -38.92
N ARG B 538 -19.77 8.97 -37.99
CA ARG B 538 -18.59 9.38 -37.25
C ARG B 538 -17.38 8.57 -37.70
N THR B 539 -16.20 9.00 -37.26
CA THR B 539 -14.95 8.38 -37.65
C THR B 539 -14.58 7.30 -36.66
N THR B 540 -14.23 6.12 -37.18
CA THR B 540 -13.88 4.98 -36.35
C THR B 540 -12.53 4.41 -36.81
N ILE B 541 -11.73 3.95 -35.86
CA ILE B 541 -10.43 3.35 -36.14
C ILE B 541 -10.32 2.07 -35.33
N VAL B 542 -10.33 0.93 -36.01
CA VAL B 542 -10.32 -0.36 -35.32
C VAL B 542 -9.06 -1.13 -35.70
N ILE B 543 -8.49 -1.81 -34.71
CA ILE B 543 -7.44 -2.80 -34.95
C ILE B 543 -8.10 -4.16 -35.12
N ALA B 544 -7.72 -4.87 -36.17
CA ALA B 544 -8.23 -6.20 -36.43
C ALA B 544 -7.08 -7.18 -36.44
N HIS B 545 -7.00 -8.02 -35.41
CA HIS B 545 -5.97 -9.04 -35.39
C HIS B 545 -6.32 -10.20 -36.31
N ARG B 546 -7.60 -10.43 -36.53
CA ARG B 546 -8.07 -11.43 -37.49
C ARG B 546 -8.90 -10.73 -38.55
N LEU B 547 -8.46 -10.83 -39.81
CA LEU B 547 -8.92 -9.94 -40.86
C LEU B 547 -10.38 -10.14 -41.25
N SER B 548 -11.08 -11.11 -40.68
CA SER B 548 -12.47 -11.34 -41.07
C SER B 548 -13.39 -10.22 -40.62
N THR B 549 -12.96 -9.41 -39.65
CA THR B 549 -13.83 -8.42 -39.04
C THR B 549 -13.70 -7.04 -39.67
N VAL B 550 -12.72 -6.82 -40.52
CA VAL B 550 -12.53 -5.50 -41.12
C VAL B 550 -12.39 -5.59 -42.63
N VAL B 551 -12.91 -6.67 -43.24
CA VAL B 551 -12.87 -6.79 -44.68
C VAL B 551 -13.64 -5.65 -45.33
N ASP B 552 -14.69 -5.17 -44.68
CA ASP B 552 -15.55 -4.11 -45.22
C ASP B 552 -15.06 -2.72 -44.86
N ALA B 553 -13.88 -2.60 -44.26
CA ALA B 553 -13.38 -1.29 -43.88
C ALA B 553 -13.06 -0.47 -45.12
N ASP B 554 -13.11 0.86 -44.97
CA ASP B 554 -12.87 1.75 -46.09
C ASP B 554 -11.39 1.94 -46.38
N GLN B 555 -10.56 2.00 -45.34
CA GLN B 555 -9.12 2.09 -45.56
C GLN B 555 -8.41 1.07 -44.68
N LEU B 556 -7.26 0.59 -45.15
CA LEU B 556 -6.44 -0.32 -44.36
C LEU B 556 -5.03 0.24 -44.24
N LEU B 557 -4.45 0.10 -43.06
CA LEU B 557 -3.09 0.54 -42.79
C LEU B 557 -2.29 -0.68 -42.33
N PHE B 558 -1.47 -1.21 -43.22
CA PHE B 558 -0.59 -2.32 -42.86
C PHE B 558 0.62 -1.78 -42.13
N VAL B 559 0.74 -2.09 -40.84
CA VAL B 559 1.79 -1.56 -39.98
C VAL B 559 2.76 -2.68 -39.67
N GLU B 560 4.03 -2.50 -40.07
CA GLU B 560 5.07 -3.47 -39.79
C GLU B 560 6.30 -2.73 -39.28
N LYS B 561 6.77 -3.11 -38.09
CA LYS B 561 7.98 -2.56 -37.50
C LYS B 561 7.94 -1.04 -37.42
N GLY B 562 6.79 -0.48 -37.08
CA GLY B 562 6.66 0.94 -36.98
C GLY B 562 6.63 1.69 -38.29
N GLU B 563 6.54 0.98 -39.42
CA GLU B 563 6.45 1.61 -40.72
C GLU B 563 5.17 1.16 -41.40
N ILE B 564 4.46 2.10 -42.01
CA ILE B 564 3.24 1.78 -42.76
C ILE B 564 3.67 1.27 -44.13
N THR B 565 3.64 -0.04 -44.32
CA THR B 565 4.13 -0.63 -45.57
C THR B 565 3.10 -0.53 -46.69
N GLY B 566 1.83 -0.78 -46.39
CA GLY B 566 0.80 -0.73 -47.41
C GLY B 566 -0.47 -0.06 -46.91
N ARG B 567 -0.99 0.89 -47.69
CA ARG B 567 -2.19 1.62 -47.32
C ARG B 567 -3.14 1.60 -48.51
N GLY B 568 -4.40 1.26 -48.25
CA GLY B 568 -5.41 1.25 -49.30
C GLY B 568 -6.57 0.37 -48.91
N THR B 569 -7.55 0.31 -49.80
CA THR B 569 -8.69 -0.57 -49.59
C THR B 569 -8.24 -2.02 -49.55
N HIS B 570 -9.12 -2.89 -49.05
CA HIS B 570 -8.74 -4.29 -48.87
C HIS B 570 -8.42 -4.97 -50.19
N HIS B 571 -9.28 -4.79 -51.20
CA HIS B 571 -9.07 -5.46 -52.48
C HIS B 571 -7.78 -5.01 -53.14
N GLU B 572 -7.62 -3.69 -53.32
CA GLU B 572 -6.44 -3.17 -53.98
C GLU B 572 -5.17 -3.47 -53.21
N LEU B 573 -5.22 -3.42 -51.87
CA LEU B 573 -4.03 -3.69 -51.09
C LEU B 573 -3.65 -5.17 -51.17
N MET B 574 -4.62 -6.07 -50.99
CA MET B 574 -4.35 -7.49 -51.12
C MET B 574 -3.89 -7.87 -52.52
N ALA B 575 -4.33 -7.15 -53.54
CA ALA B 575 -3.84 -7.43 -54.88
C ALA B 575 -2.48 -6.80 -55.14
N SER B 576 -2.12 -5.77 -54.37
CA SER B 576 -0.87 -5.06 -54.58
C SER B 576 0.18 -5.36 -53.53
N HIS B 577 -0.19 -5.89 -52.37
CA HIS B 577 0.74 -6.17 -51.29
C HIS B 577 0.91 -7.67 -51.18
N GLY B 578 2.14 -8.14 -51.39
CA GLY B 578 2.39 -9.57 -51.33
C GLY B 578 2.19 -10.14 -49.93
N LEU B 579 2.69 -9.43 -48.92
CA LEU B 579 2.62 -9.94 -47.55
C LEU B 579 1.19 -10.14 -47.09
N TYR B 580 0.39 -9.07 -47.16
CA TYR B 580 -0.97 -9.10 -46.62
C TYR B 580 -1.80 -10.22 -47.24
N ARG B 581 -1.57 -10.50 -48.53
CA ARG B 581 -2.26 -11.63 -49.18
C ARG B 581 -2.02 -12.93 -48.42
N ASP B 582 -0.75 -13.26 -48.16
CA ASP B 582 -0.47 -14.39 -47.28
C ASP B 582 -1.12 -14.19 -45.92
N PHE B 583 -1.01 -12.97 -45.38
CA PHE B 583 -1.64 -12.63 -44.12
C PHE B 583 -3.13 -12.91 -44.16
N ALA B 584 -3.75 -12.77 -45.33
CA ALA B 584 -5.14 -13.17 -45.48
C ALA B 584 -5.24 -14.65 -45.85
N GLU B 585 -4.38 -15.12 -46.75
CA GLU B 585 -4.57 -16.42 -47.37
C GLU B 585 -4.55 -17.53 -46.34
N GLN B 586 -3.50 -17.58 -45.51
CA GLN B 586 -3.45 -18.52 -44.39
C GLN B 586 -4.73 -18.45 -43.57
N GLN B 587 -5.17 -17.23 -43.24
CA GLN B 587 -6.46 -17.04 -42.59
C GLN B 587 -7.56 -17.79 -43.32
N LEU B 588 -7.75 -17.51 -44.61
CA LEU B 588 -8.71 -18.23 -45.43
C LEU B 588 -8.53 -19.72 -45.30
N LYS B 589 -7.26 -20.19 -45.38
CA LYS B 589 -6.96 -21.61 -45.34
C LYS B 589 -7.61 -22.29 -44.15
N MET B 590 -7.44 -21.70 -42.95
CA MET B 590 -8.03 -22.32 -41.77
C MET B 590 -9.54 -22.42 -41.90
N ASN B 591 -10.19 -21.33 -42.27
CA ASN B 591 -11.64 -21.41 -42.41
C ASN B 591 -11.99 -22.17 -43.68
N ALA B 592 -11.14 -22.06 -44.71
CA ALA B 592 -11.35 -22.86 -45.91
C ALA B 592 -11.11 -24.33 -45.61
N ASP B 593 -10.40 -24.62 -44.53
CA ASP B 593 -10.21 -25.98 -44.06
C ASP B 593 -11.32 -26.43 -43.12
N LEU B 594 -12.13 -25.49 -42.61
CA LEU B 594 -13.11 -25.81 -41.59
C LEU B 594 -14.10 -26.86 -42.07
N GLU B 595 -14.62 -26.69 -43.29
CA GLU B 595 -15.53 -27.69 -43.84
C GLU B 595 -14.75 -28.88 -44.40
N ASN B 596 -13.50 -28.67 -44.79
CA ASN B 596 -12.74 -29.72 -45.46
C ASN B 596 -11.24 -29.49 -45.36
C1 RHQ C . -0.33 15.98 32.04
C2 RHQ C . 0.93 16.49 31.70
C3 RHQ C . 1.38 16.33 30.38
C4 RHQ C . 0.61 15.66 29.43
C5 RHQ C . -0.66 15.17 29.77
C6 RHQ C . -1.12 15.32 31.08
O1 RHQ C . -0.82 16.14 33.34
C7 RHQ C . -0.01 16.69 34.32
C8 RHQ C . 1.24 17.18 34.00
C9 RHQ C . 1.71 17.15 32.67
C10 RHQ C . -0.50 16.71 35.66
C11 RHQ C . 0.29 17.24 36.68
C12 RHQ C . 1.56 17.75 36.39
C13 RHQ C . 2.03 17.72 35.06
N1 RHQ C . -0.24 17.26 38.08
C14 RHQ C . 3.01 17.69 32.35
C15 RHQ C . 4.09 16.84 32.10
C16 RHQ C . 5.35 17.36 31.79
C17 RHQ C . 5.55 18.73 31.75
C18 RHQ C . 4.49 19.60 32.02
C19 RHQ C . 3.23 19.08 32.31
C20 RHQ C . 2.48 18.33 37.44
C21 RHQ C . 1.13 15.49 27.97
C22 RHQ C . -1.09 18.32 38.53
C23 RHQ C . -0.37 19.68 38.49
N2 RHQ C . -1.34 14.54 28.84
C24 RHQ C . -2.77 14.81 28.52
C25 RHQ C . -3.45 13.43 28.39
C26 RHQ C . 2.19 20.18 32.58
O27 RHQ C . 1.05 20.05 32.21
O2 RHQ C . 2.58 21.36 33.29
C28 RHQ C . 2.27 21.33 34.65
C29 RHQ C . 3.56 21.33 35.47
PG ATP D . -15.41 -16.35 -22.02
O1G ATP D . -16.01 -17.63 -22.55
O2G ATP D . -13.91 -16.32 -22.03
O3G ATP D . -16.10 -15.09 -22.50
PB ATP D . -15.40 -17.78 -19.72
O1B ATP D . -16.41 -18.82 -20.12
O2B ATP D . -13.93 -18.01 -19.92
O3B ATP D . -15.77 -16.42 -20.47
PA ATP D . -16.60 -18.40 -17.37
O1A ATP D . -15.89 -19.72 -17.22
O2A ATP D . -17.96 -18.33 -18.00
O3A ATP D . -15.67 -17.41 -18.20
O5' ATP D . -16.68 -17.66 -15.97
C5' ATP D . -17.41 -16.46 -15.96
C4' ATP D . -18.72 -16.66 -15.23
O4' ATP D . -18.42 -16.88 -13.85
C3' ATP D . -19.55 -15.41 -15.32
O3' ATP D . -20.88 -15.77 -15.67
C2' ATP D . -19.55 -14.81 -13.94
O2' ATP D . -20.86 -14.36 -13.62
C1' ATP D . -19.16 -15.97 -13.06
N9 ATP D . -18.34 -15.55 -11.90
C8 ATP D . -18.83 -15.03 -10.76
N7 ATP D . -17.84 -14.76 -9.88
C5 ATP D . -16.68 -15.13 -10.47
C6 ATP D . -15.26 -15.11 -10.08
N6 ATP D . -14.88 -14.64 -8.87
N1 ATP D . -14.37 -15.56 -10.98
C2 ATP D . -14.74 -16.03 -12.17
N3 ATP D . -16.02 -16.07 -12.59
C4 ATP D . -17.02 -15.65 -11.79
MG MG E . -13.87 -16.05 -20.10
C1 RHQ F . 18.21 10.20 29.11
C2 RHQ F . 17.06 9.87 29.84
C3 RHQ F . 16.03 9.18 29.16
C4 RHQ F . 16.13 8.87 27.82
C5 RHQ F . 17.29 9.20 27.10
C6 RHQ F . 18.32 9.88 27.74
O1 RHQ F . 19.26 10.87 29.75
C7 RHQ F . 19.12 11.32 31.04
C8 RHQ F . 17.98 10.99 31.78
C9 RHQ F . 16.97 10.21 31.20
C10 RHQ F . 20.16 12.11 31.61
C11 RHQ F . 20.05 12.58 32.92
C12 RHQ F . 18.92 12.26 33.67
C13 RHQ F . 17.90 11.49 33.10
N1 RHQ F . 21.16 13.40 33.49
C14 RHQ F . 15.79 9.88 31.98
C15 RHQ F . 14.57 10.52 31.75
C16 RHQ F . 13.44 10.20 32.51
C17 RHQ F . 13.53 9.23 33.51
C18 RHQ F . 14.74 8.59 33.76
C19 RHQ F . 15.86 8.90 32.99
C20 RHQ F . 18.72 12.74 35.11
C21 RHQ F . 14.96 8.11 27.11
C22 RHQ F . 22.31 12.78 34.07
C23 RHQ F . 21.93 11.93 35.31
N2 RHQ F . 17.32 8.88 25.83
C24 RHQ F . 18.45 8.19 25.17
C25 RHQ F . 18.72 8.94 23.85
C26 RHQ F . 17.10 8.09 33.41
O27 RHQ F . 17.89 7.71 32.59
O2 RHQ F . 17.32 7.81 34.80
C28 RHQ F . 18.21 8.69 35.43
C29 RHQ F . 17.47 9.50 36.49
PG ATP G . -0.02 -6.37 -30.83
O1G ATP G . 0.06 -5.99 -32.30
O2G ATP G . -1.35 -6.07 -30.21
O3G ATP G . 0.58 -7.70 -30.50
PB ATP G . 0.68 -3.78 -30.46
O1B ATP G . 1.14 -3.50 -31.86
O2B ATP G . -0.72 -3.47 -30.02
O3B ATP G . 0.96 -5.31 -30.14
PA ATP G . 2.65 -1.95 -30.12
O1A ATP G . 1.82 -0.81 -30.63
O2A ATP G . 3.58 -2.70 -31.04
O3A ATP G . 1.69 -3.04 -29.46
O5' ATP G . 3.51 -1.48 -28.86
C5' ATP G . 4.38 -2.46 -28.32
C4' ATP G . 5.80 -2.13 -28.72
O4' ATP G . 6.22 -1.00 -27.99
C3' ATP G . 6.70 -3.28 -28.35
O3' ATP G . 7.61 -3.52 -29.42
C2' ATP G . 7.48 -2.81 -27.16
O2' ATP G . 8.85 -3.23 -27.28
C1' ATP G . 7.40 -1.30 -27.26
N9 ATP G . 7.31 -0.66 -25.92
C8 ATP G . 8.37 -0.37 -25.15
N7 ATP G . 7.97 0.24 -24.00
C5 ATP G . 6.64 0.33 -24.04
C6 ATP G . 5.59 0.85 -23.14
N6 ATP G . 5.92 1.40 -21.96
N1 ATP G . 4.31 0.76 -23.54
C2 ATP G . 3.98 0.20 -24.72
N3 ATP G . 4.88 -0.29 -25.58
C4 ATP G . 6.21 -0.27 -25.30
MG MG H . -0.46 -5.00 -28.83
#